data_2N62
#
_entry.id   2N62
#
_entity_poly.entity_id   1
_entity_poly.type   'polypeptide(L)'
_entity_poly.pdbx_seq_one_letter_code
;HHHHHHASKPAPSAEHSYAEGEGLVKVFDNAPAEFTIFAVDTKGVARTDGGDPFEVAINGPDGLVVDAKVTDNNDGTYGV
VYDAPVEGNYNVNVTLRGNPIKNMPIDVKCIEGANGEDSSFGSFTFTVAAKNKKGEVKTYGGDKFEVSITGPAEEITLDA
IDNQDGTYTAAYSLVGNGRFSTGVKLNGKHIEGSPFKQVLGNELFSTPVWISQAQGIRAGP
;
_entity_poly.pdbx_strand_id   L
#
# COMPACT_ATOMS: atom_id res chain seq x y z
N HIS A 1 34.52 -19.54 -28.02
CA HIS A 1 35.55 -18.68 -27.44
C HIS A 1 36.89 -18.79 -28.16
N HIS A 2 37.58 -19.94 -28.09
CA HIS A 2 38.93 -20.06 -28.59
C HIS A 2 38.93 -20.60 -30.01
N HIS A 3 39.82 -20.07 -30.84
CA HIS A 3 39.91 -20.45 -32.25
C HIS A 3 41.33 -20.43 -32.78
N HIS A 4 42.42 -20.10 -32.08
CA HIS A 4 43.72 -20.08 -32.74
C HIS A 4 44.34 -21.48 -32.71
N HIS A 5 43.65 -22.47 -32.17
CA HIS A 5 43.99 -23.88 -32.10
C HIS A 5 42.81 -24.69 -31.61
N HIS A 6 42.93 -26.02 -31.71
CA HIS A 6 42.22 -26.91 -30.82
C HIS A 6 43.03 -28.17 -30.54
N ALA A 7 43.59 -28.13 -29.33
CA ALA A 7 44.29 -29.25 -28.72
C ALA A 7 44.45 -29.27 -27.21
N SER A 8 44.46 -28.11 -26.53
CA SER A 8 44.70 -28.07 -25.10
C SER A 8 44.10 -26.85 -24.40
N LYS A 9 43.24 -27.12 -23.42
CA LYS A 9 42.81 -26.17 -22.41
C LYS A 9 42.64 -26.73 -21.01
N PRO A 10 42.91 -25.98 -19.94
CA PRO A 10 42.54 -26.29 -18.58
C PRO A 10 41.06 -26.50 -18.28
N ALA A 11 40.66 -27.44 -17.43
CA ALA A 11 39.33 -27.59 -16.88
C ALA A 11 39.18 -26.72 -15.64
N PRO A 12 38.24 -25.78 -15.51
CA PRO A 12 38.16 -24.85 -14.42
C PRO A 12 38.21 -25.51 -13.05
N SER A 13 38.46 -24.75 -11.98
CA SER A 13 38.36 -25.09 -10.57
C SER A 13 36.96 -24.81 -10.05
N ALA A 14 36.27 -25.81 -9.53
CA ALA A 14 35.03 -25.73 -8.77
C ALA A 14 35.26 -25.19 -7.36
N GLU A 15 36.51 -25.15 -6.88
CA GLU A 15 37.07 -24.50 -5.72
C GLU A 15 36.98 -23.00 -5.91
N HIS A 16 36.94 -22.43 -7.11
CA HIS A 16 37.13 -21.01 -7.35
C HIS A 16 36.10 -20.46 -8.32
N SER A 17 35.48 -21.22 -9.23
CA SER A 17 34.41 -20.67 -10.04
C SER A 17 33.10 -20.64 -9.26
N TYR A 18 32.34 -19.60 -9.56
CA TYR A 18 31.08 -19.26 -8.92
C TYR A 18 30.22 -18.20 -9.61
N ALA A 19 29.13 -17.72 -9.01
CA ALA A 19 28.03 -17.33 -9.87
C ALA A 19 27.24 -16.20 -9.24
N GLU A 20 26.82 -15.22 -10.05
CA GLU A 20 25.95 -14.19 -9.52
C GLU A 20 24.97 -13.64 -10.54
N GLY A 21 23.76 -13.33 -10.05
CA GLY A 21 22.92 -12.36 -10.73
C GLY A 21 23.39 -10.94 -10.56
N GLU A 22 22.77 -10.32 -9.55
CA GLU A 22 23.20 -9.07 -8.97
C GLU A 22 22.52 -8.97 -7.62
N GLY A 23 23.20 -9.56 -6.63
CA GLY A 23 22.61 -10.15 -5.44
C GLY A 23 22.17 -11.60 -5.59
N LEU A 24 21.05 -11.92 -4.93
CA LEU A 24 20.39 -13.20 -4.81
C LEU A 24 19.15 -13.50 -5.65
N VAL A 25 18.98 -14.79 -5.91
CA VAL A 25 17.87 -15.32 -6.68
C VAL A 25 16.48 -14.75 -6.40
N LYS A 26 15.69 -14.54 -7.46
CA LYS A 26 14.35 -13.98 -7.48
C LYS A 26 13.69 -14.31 -8.81
N VAL A 27 12.54 -14.99 -8.65
CA VAL A 27 11.95 -15.82 -9.68
C VAL A 27 10.43 -15.74 -9.70
N PHE A 28 9.74 -15.79 -10.84
CA PHE A 28 8.46 -15.12 -10.99
C PHE A 28 7.43 -16.00 -11.67
N ASP A 29 6.12 -15.79 -11.54
CA ASP A 29 5.14 -16.58 -12.27
C ASP A 29 5.03 -16.14 -13.72
N ASN A 30 5.30 -14.84 -13.87
CA ASN A 30 5.08 -14.21 -15.16
C ASN A 30 6.36 -13.87 -15.90
N ALA A 31 7.56 -14.29 -15.50
CA ALA A 31 8.76 -14.11 -16.28
C ALA A 31 9.83 -15.16 -16.00
N PRO A 32 10.80 -15.60 -16.79
CA PRO A 32 12.03 -16.27 -16.40
C PRO A 32 12.86 -15.27 -15.62
N ALA A 33 13.95 -15.80 -15.07
CA ALA A 33 15.03 -15.13 -14.37
C ALA A 33 16.35 -15.56 -14.99
N GLU A 34 17.37 -14.73 -14.74
CA GLU A 34 18.67 -14.85 -15.36
C GLU A 34 19.80 -14.71 -14.35
N PHE A 35 21.00 -15.24 -14.61
CA PHE A 35 22.17 -15.15 -13.77
C PHE A 35 23.36 -15.44 -14.69
N THR A 36 24.57 -15.26 -14.13
CA THR A 36 25.78 -15.47 -14.88
C THR A 36 26.87 -16.25 -14.16
N ILE A 37 27.60 -17.11 -14.89
CA ILE A 37 28.59 -17.96 -14.28
C ILE A 37 30.00 -17.50 -14.63
N PHE A 38 30.77 -17.05 -13.63
CA PHE A 38 32.19 -16.78 -13.78
C PHE A 38 33.11 -17.96 -13.51
N ALA A 39 34.13 -18.05 -14.36
CA ALA A 39 34.98 -19.22 -14.54
C ALA A 39 36.41 -18.85 -14.18
N VAL A 40 37.09 -19.70 -13.39
CA VAL A 40 38.41 -19.54 -12.83
C VAL A 40 39.09 -20.88 -12.64
N ASP A 41 40.40 -20.99 -12.89
CA ASP A 41 41.10 -22.26 -12.87
C ASP A 41 42.11 -22.23 -11.73
N THR A 42 43.26 -22.87 -11.85
CA THR A 42 43.99 -23.54 -10.79
C THR A 42 44.64 -22.65 -9.74
N LYS A 43 44.94 -21.40 -10.07
CA LYS A 43 45.65 -20.48 -9.18
C LYS A 43 44.77 -19.30 -8.82
N GLY A 44 43.48 -19.30 -9.18
CA GLY A 44 42.58 -18.17 -9.06
C GLY A 44 42.54 -17.09 -10.12
N VAL A 45 43.32 -17.22 -11.20
CA VAL A 45 43.20 -16.46 -12.43
C VAL A 45 42.03 -17.02 -13.24
N ALA A 46 41.08 -16.15 -13.58
CA ALA A 46 40.03 -16.46 -14.51
C ALA A 46 40.36 -17.30 -15.73
N ARG A 47 39.34 -18.02 -16.24
CA ARG A 47 39.57 -18.79 -17.45
C ARG A 47 39.96 -17.99 -18.68
N THR A 48 40.95 -18.41 -19.48
CA THR A 48 41.52 -17.66 -20.58
C THR A 48 40.86 -17.84 -21.95
N ASP A 49 39.74 -18.56 -21.94
CA ASP A 49 38.83 -18.83 -23.04
C ASP A 49 37.59 -19.48 -22.43
N GLY A 50 36.89 -20.35 -23.14
CA GLY A 50 35.60 -20.91 -22.74
C GLY A 50 35.13 -22.25 -23.27
N GLY A 51 33.81 -22.47 -23.33
CA GLY A 51 33.26 -23.77 -23.67
C GLY A 51 33.64 -24.82 -22.65
N ASP A 52 33.57 -24.57 -21.34
CA ASP A 52 33.97 -25.53 -20.33
C ASP A 52 32.73 -26.38 -20.07
N PRO A 53 32.85 -27.55 -19.43
CA PRO A 53 31.67 -28.34 -19.14
C PRO A 53 30.98 -28.11 -17.81
N PHE A 54 30.22 -27.01 -17.81
CA PHE A 54 29.25 -26.58 -16.83
C PHE A 54 27.90 -27.23 -17.06
N GLU A 55 27.04 -27.19 -16.04
CA GLU A 55 25.64 -27.51 -16.19
C GLU A 55 24.78 -26.87 -15.11
N VAL A 56 23.57 -26.45 -15.47
CA VAL A 56 22.51 -25.92 -14.65
C VAL A 56 21.18 -26.67 -14.73
N ALA A 57 20.51 -26.93 -13.61
CA ALA A 57 19.41 -27.84 -13.37
C ALA A 57 18.40 -27.28 -12.38
N ILE A 58 17.11 -27.21 -12.75
CA ILE A 58 16.11 -26.41 -12.06
C ILE A 58 14.97 -27.31 -11.58
N ASN A 59 14.90 -27.62 -10.28
CA ASN A 59 13.97 -28.54 -9.67
C ASN A 59 12.78 -27.82 -9.06
N GLY A 60 11.55 -28.32 -9.22
CA GLY A 60 10.38 -27.84 -8.50
C GLY A 60 9.80 -28.80 -7.48
N PRO A 61 8.54 -28.67 -7.06
CA PRO A 61 7.92 -29.58 -6.12
C PRO A 61 7.61 -31.01 -6.55
N ASP A 62 7.59 -32.02 -5.68
CA ASP A 62 7.30 -33.41 -5.93
C ASP A 62 8.42 -34.07 -6.73
N GLY A 63 8.24 -34.14 -8.05
CA GLY A 63 9.21 -34.77 -8.92
C GLY A 63 9.56 -33.96 -10.16
N LEU A 64 9.52 -32.63 -10.19
CA LEU A 64 9.73 -31.75 -11.31
C LEU A 64 11.15 -31.26 -11.57
N VAL A 65 11.65 -31.50 -12.80
CA VAL A 65 13.00 -31.07 -13.12
C VAL A 65 13.21 -30.64 -14.57
N VAL A 66 13.93 -29.54 -14.79
CA VAL A 66 14.13 -28.94 -16.09
C VAL A 66 15.60 -28.56 -16.24
N ASP A 67 16.17 -28.94 -17.38
CA ASP A 67 17.51 -28.52 -17.74
C ASP A 67 17.64 -27.10 -18.29
N ALA A 68 18.45 -26.21 -17.72
CA ALA A 68 18.54 -24.79 -18.02
C ALA A 68 19.59 -24.44 -19.06
N LYS A 69 19.32 -23.36 -19.80
CA LYS A 69 20.18 -22.86 -20.85
C LYS A 69 21.40 -22.13 -20.30
N VAL A 70 22.56 -22.75 -20.12
CA VAL A 70 23.88 -22.14 -20.11
C VAL A 70 24.07 -21.61 -21.52
N THR A 71 24.72 -20.46 -21.69
CA THR A 71 25.35 -20.03 -22.93
C THR A 71 26.67 -19.33 -22.64
N ASP A 72 27.74 -19.65 -23.36
CA ASP A 72 29.03 -18.97 -23.32
C ASP A 72 28.99 -17.56 -23.89
N ASN A 73 29.42 -16.57 -23.12
CA ASN A 73 29.63 -15.16 -23.39
C ASN A 73 30.76 -14.75 -24.32
N ASN A 74 31.75 -15.60 -24.61
CA ASN A 74 32.98 -15.22 -25.27
C ASN A 74 33.84 -14.30 -24.42
N ASP A 75 34.05 -14.56 -23.13
CA ASP A 75 34.81 -13.72 -22.21
C ASP A 75 35.35 -14.39 -20.96
N GLY A 76 35.07 -15.67 -20.70
CA GLY A 76 35.35 -16.28 -19.41
C GLY A 76 34.09 -16.41 -18.56
N THR A 77 32.91 -15.91 -18.92
CA THR A 77 31.62 -16.00 -18.27
C THR A 77 30.49 -16.60 -19.10
N TYR A 78 29.40 -16.98 -18.44
CA TYR A 78 28.29 -17.66 -19.10
C TYR A 78 26.98 -17.01 -18.68
N GLY A 79 26.05 -16.79 -19.62
CA GLY A 79 24.71 -16.41 -19.23
C GLY A 79 23.87 -17.67 -19.07
N VAL A 80 22.88 -17.58 -18.18
CA VAL A 80 21.90 -18.59 -17.86
C VAL A 80 20.54 -17.97 -17.63
N VAL A 81 19.50 -18.71 -18.01
CA VAL A 81 18.10 -18.32 -17.99
C VAL A 81 17.34 -19.48 -17.33
N TYR A 82 16.31 -19.25 -16.53
CA TYR A 82 15.44 -20.23 -15.91
C TYR A 82 14.10 -19.72 -15.40
N ASP A 83 13.15 -20.60 -15.05
CA ASP A 83 11.78 -20.26 -14.75
C ASP A 83 11.23 -21.11 -13.61
N ALA A 84 10.14 -20.72 -12.97
CA ALA A 84 9.52 -21.40 -11.85
C ALA A 84 8.06 -21.71 -12.12
N PRO A 85 7.74 -22.74 -12.90
CA PRO A 85 6.43 -23.23 -13.27
C PRO A 85 5.32 -23.26 -12.22
N VAL A 86 5.63 -23.31 -10.93
CA VAL A 86 4.60 -23.44 -9.91
C VAL A 86 4.72 -22.29 -8.93
N GLU A 87 3.61 -21.61 -8.59
CA GLU A 87 3.35 -20.70 -7.49
C GLU A 87 3.57 -21.43 -6.17
N GLY A 88 4.85 -21.43 -5.78
CA GLY A 88 5.58 -22.24 -4.84
C GLY A 88 7.08 -21.95 -4.87
N ASN A 89 7.90 -22.74 -4.18
CA ASN A 89 9.35 -22.78 -4.28
C ASN A 89 9.82 -23.40 -5.59
N TYR A 90 10.87 -22.89 -6.24
CA TYR A 90 11.79 -23.64 -7.07
C TYR A 90 13.16 -23.68 -6.42
N ASN A 91 14.04 -24.54 -6.96
CA ASN A 91 15.39 -24.86 -6.56
C ASN A 91 16.36 -24.86 -7.72
N VAL A 92 17.51 -24.21 -7.50
CA VAL A 92 18.49 -23.88 -8.52
C VAL A 92 19.79 -24.56 -8.08
N ASN A 93 20.29 -25.42 -8.96
CA ASN A 93 21.46 -26.27 -8.80
C ASN A 93 22.41 -26.32 -9.99
N VAL A 94 23.63 -25.89 -9.68
CA VAL A 94 24.70 -25.60 -10.63
C VAL A 94 25.92 -26.49 -10.44
N THR A 95 26.57 -26.90 -11.52
CA THR A 95 27.58 -27.94 -11.49
C THR A 95 28.69 -27.57 -12.47
N LEU A 96 29.92 -28.01 -12.20
CA LEU A 96 31.10 -27.91 -13.04
C LEU A 96 31.76 -29.27 -13.04
N ARG A 97 31.83 -29.89 -14.21
CA ARG A 97 32.41 -31.18 -14.50
C ARG A 97 31.79 -32.38 -13.82
N GLY A 98 31.59 -32.34 -12.50
CA GLY A 98 30.73 -33.17 -11.66
C GLY A 98 30.58 -32.67 -10.23
N ASN A 99 30.94 -31.41 -10.04
CA ASN A 99 31.24 -30.75 -8.77
C ASN A 99 30.44 -29.47 -8.62
N PRO A 100 30.11 -29.12 -7.36
CA PRO A 100 29.37 -27.91 -7.09
C PRO A 100 30.22 -26.65 -7.08
N ILE A 101 29.62 -25.50 -6.77
CA ILE A 101 30.15 -24.16 -6.72
C ILE A 101 29.60 -23.46 -5.49
N LYS A 102 29.49 -22.13 -5.38
CA LYS A 102 28.78 -21.50 -4.28
C LYS A 102 27.89 -20.38 -4.78
N ASN A 103 27.06 -19.81 -3.89
CA ASN A 103 25.88 -19.01 -4.09
C ASN A 103 24.74 -19.98 -4.38
N MET A 104 24.92 -20.79 -5.43
CA MET A 104 24.17 -21.99 -5.73
C MET A 104 24.74 -23.17 -4.94
N PRO A 105 24.01 -24.23 -4.62
CA PRO A 105 22.58 -24.27 -4.89
C PRO A 105 21.75 -23.48 -3.90
N ILE A 106 20.51 -23.24 -4.33
CA ILE A 106 19.66 -22.20 -3.79
C ILE A 106 18.19 -22.37 -4.14
N ASP A 107 17.31 -21.94 -3.23
CA ASP A 107 15.87 -22.09 -3.38
C ASP A 107 15.21 -20.72 -3.37
N VAL A 108 14.09 -20.66 -4.08
CA VAL A 108 13.51 -19.39 -4.47
C VAL A 108 12.03 -19.55 -4.77
N LYS A 109 11.20 -18.74 -4.11
CA LYS A 109 9.76 -18.76 -4.33
C LYS A 109 9.34 -17.95 -5.55
N CYS A 110 8.26 -18.40 -6.20
CA CYS A 110 7.71 -17.98 -7.47
C CYS A 110 6.53 -17.07 -7.19
N ILE A 111 6.55 -15.79 -7.59
CA ILE A 111 5.47 -14.83 -7.43
C ILE A 111 5.16 -14.01 -8.67
N GLU A 112 4.01 -13.34 -8.80
CA GLU A 112 3.62 -12.53 -9.93
C GLU A 112 4.30 -11.17 -9.95
N GLY A 113 5.58 -11.16 -10.32
CA GLY A 113 6.35 -9.96 -10.57
C GLY A 113 6.61 -9.31 -9.22
N ALA A 114 6.06 -8.11 -9.05
CA ALA A 114 5.96 -7.41 -7.78
C ALA A 114 4.62 -7.56 -7.07
N ASN A 115 3.65 -8.31 -7.57
CA ASN A 115 2.33 -8.30 -6.97
C ASN A 115 2.41 -9.07 -5.67
N GLY A 116 2.03 -8.47 -4.54
CA GLY A 116 2.21 -9.04 -3.22
C GLY A 116 3.62 -8.97 -2.68
N GLU A 117 4.50 -8.05 -3.10
CA GLU A 117 5.67 -7.72 -2.32
C GLU A 117 5.37 -6.84 -1.12
N ASP A 118 6.35 -6.61 -0.25
CA ASP A 118 6.49 -5.55 0.74
C ASP A 118 6.58 -4.18 0.08
N SER A 119 5.97 -3.09 0.56
CA SER A 119 4.95 -3.07 1.58
C SER A 119 3.57 -2.97 0.94
N SER A 120 3.46 -3.12 -0.39
CA SER A 120 2.20 -3.09 -1.11
C SER A 120 1.18 -4.19 -0.84
N PHE A 121 1.57 -5.30 -0.21
CA PHE A 121 0.76 -6.39 0.27
C PHE A 121 -0.07 -5.95 1.47
N GLY A 122 0.39 -4.88 2.12
CA GLY A 122 -0.30 -4.41 3.32
C GLY A 122 -1.25 -3.26 3.07
N SER A 123 -1.65 -3.04 1.83
CA SER A 123 -2.43 -1.92 1.32
C SER A 123 -3.92 -1.98 1.68
N PHE A 124 -4.47 -0.84 2.09
CA PHE A 124 -5.77 -0.64 2.69
C PHE A 124 -6.85 -1.08 1.72
N THR A 125 -7.93 -1.61 2.28
CA THR A 125 -9.15 -2.06 1.64
C THR A 125 -10.29 -2.19 2.65
N PHE A 126 -11.51 -1.86 2.21
CA PHE A 126 -12.61 -2.58 2.84
C PHE A 126 -12.47 -4.08 2.55
N THR A 127 -12.81 -4.95 3.50
CA THR A 127 -13.35 -6.27 3.19
C THR A 127 -14.73 -6.05 2.61
N VAL A 128 -14.91 -6.21 1.29
CA VAL A 128 -16.14 -6.01 0.53
C VAL A 128 -16.15 -6.94 -0.68
N ALA A 129 -17.30 -7.53 -1.02
CA ALA A 129 -17.55 -8.28 -2.23
C ALA A 129 -16.82 -9.60 -2.39
N ALA A 130 -16.08 -10.09 -1.39
CA ALA A 130 -15.16 -11.20 -1.24
C ALA A 130 -14.83 -11.43 0.23
N LYS A 131 -14.40 -12.67 0.51
CA LYS A 131 -14.02 -13.16 1.82
C LYS A 131 -12.88 -12.43 2.52
N ASN A 132 -11.98 -11.79 1.78
CA ASN A 132 -10.99 -10.84 2.27
C ASN A 132 -10.68 -9.78 1.22
N LYS A 133 -10.41 -8.58 1.72
CA LYS A 133 -9.90 -7.44 0.98
C LYS A 133 -10.90 -6.85 0.00
N LYS A 134 -10.45 -6.17 -1.06
CA LYS A 134 -11.21 -5.85 -2.25
C LYS A 134 -12.01 -6.92 -2.98
N GLY A 135 -13.06 -6.63 -3.76
CA GLY A 135 -13.64 -7.46 -4.79
C GLY A 135 -12.83 -7.31 -6.08
N GLU A 136 -12.84 -8.32 -6.94
CA GLU A 136 -12.08 -8.42 -8.17
C GLU A 136 -12.47 -7.58 -9.38
N VAL A 137 -13.62 -6.90 -9.38
CA VAL A 137 -13.98 -5.79 -10.22
C VAL A 137 -13.24 -4.50 -9.86
N LYS A 138 -12.70 -3.86 -10.89
CA LYS A 138 -11.97 -2.62 -10.69
C LYS A 138 -12.63 -1.55 -9.84
N THR A 139 -13.87 -1.25 -10.24
CA THR A 139 -14.76 -0.35 -9.54
C THR A 139 -15.88 -1.09 -8.83
N TYR A 140 -15.56 -1.47 -7.60
CA TYR A 140 -16.47 -2.11 -6.65
C TYR A 140 -17.32 -1.13 -5.89
N GLY A 141 -17.35 0.16 -6.26
CA GLY A 141 -17.96 1.20 -5.46
C GLY A 141 -17.19 2.51 -5.62
N GLY A 142 -17.32 3.37 -4.60
CA GLY A 142 -16.99 4.78 -4.55
C GLY A 142 -15.73 5.08 -3.76
N ASP A 143 -15.14 4.13 -3.03
CA ASP A 143 -13.99 4.35 -2.19
C ASP A 143 -13.22 3.05 -2.05
N LYS A 144 -11.90 3.20 -2.16
CA LYS A 144 -11.00 2.09 -1.91
C LYS A 144 -10.90 1.64 -0.46
N PHE A 145 -11.01 2.44 0.59
CA PHE A 145 -10.80 2.15 1.99
C PHE A 145 -11.47 3.24 2.83
N GLU A 146 -11.41 3.01 4.15
CA GLU A 146 -11.60 4.09 5.11
C GLU A 146 -10.42 3.97 6.07
N VAL A 147 -9.89 5.15 6.37
CA VAL A 147 -8.55 5.26 6.92
C VAL A 147 -8.50 4.99 8.42
N SER A 148 -7.43 4.30 8.81
CA SER A 148 -7.15 4.03 10.20
C SER A 148 -5.81 4.56 10.67
N ILE A 149 -4.92 5.00 9.78
CA ILE A 149 -3.78 5.80 10.20
C ILE A 149 -4.10 7.28 10.36
N THR A 150 -3.33 8.02 11.17
CA THR A 150 -3.47 9.46 11.36
C THR A 150 -2.51 10.16 10.42
N GLY A 151 -2.56 11.50 10.35
CA GLY A 151 -1.81 12.37 9.47
C GLY A 151 -2.14 12.37 7.98
N PRO A 152 -1.58 13.31 7.21
CA PRO A 152 -1.76 13.41 5.78
C PRO A 152 -0.93 12.41 4.98
N ALA A 153 -1.21 12.31 3.68
CA ALA A 153 -0.56 11.35 2.83
C ALA A 153 0.87 11.65 2.40
N GLU A 154 1.34 12.89 2.63
CA GLU A 154 2.74 13.23 2.60
C GLU A 154 3.54 12.27 3.46
N GLU A 155 3.02 11.88 4.63
CA GLU A 155 3.69 10.99 5.55
C GLU A 155 3.20 9.55 5.49
N ILE A 156 2.31 9.18 4.57
CA ILE A 156 1.80 7.83 4.40
C ILE A 156 2.42 7.28 3.11
N THR A 157 2.90 6.04 3.12
CA THR A 157 3.65 5.44 2.03
C THR A 157 2.63 4.84 1.07
N LEU A 158 2.85 5.10 -0.22
CA LEU A 158 2.18 4.35 -1.28
C LEU A 158 3.11 3.44 -2.04
N ASP A 159 2.61 2.24 -2.36
CA ASP A 159 3.37 1.14 -2.91
C ASP A 159 2.41 0.19 -3.60
N ALA A 160 2.58 -0.02 -4.91
CA ALA A 160 1.58 -0.65 -5.75
C ALA A 160 2.18 -1.35 -6.96
N ILE A 161 1.43 -2.30 -7.53
CA ILE A 161 1.71 -2.79 -8.86
C ILE A 161 1.36 -1.71 -9.89
N ASP A 162 0.48 -0.75 -9.60
CA ASP A 162 0.26 0.52 -10.26
C ASP A 162 -0.53 1.44 -9.34
N ASN A 163 -0.15 2.72 -9.35
CA ASN A 163 -0.52 3.82 -8.47
C ASN A 163 -1.99 4.14 -8.61
N GLN A 164 -2.75 3.68 -9.60
CA GLN A 164 -4.16 3.89 -9.83
C GLN A 164 -4.94 2.63 -9.54
N ASP A 165 -4.26 1.49 -9.43
CA ASP A 165 -4.91 0.28 -8.96
C ASP A 165 -4.69 -0.14 -7.51
N GLY A 166 -3.46 -0.12 -6.99
CA GLY A 166 -3.06 -0.23 -5.61
C GLY A 166 -3.43 1.00 -4.77
N THR A 167 -2.86 1.14 -3.58
CA THR A 167 -3.09 2.23 -2.65
C THR A 167 -2.05 2.12 -1.54
N TYR A 168 -2.09 3.10 -0.64
CA TYR A 168 -1.22 3.26 0.51
C TYR A 168 -1.11 2.03 1.41
N THR A 169 -0.16 2.10 2.33
CA THR A 169 0.22 1.08 3.29
C THR A 169 0.86 1.74 4.50
N ALA A 170 0.74 1.00 5.61
CA ALA A 170 1.15 1.19 6.99
C ALA A 170 1.04 -0.02 7.91
N ALA A 171 2.00 -0.09 8.84
CA ALA A 171 2.16 -1.25 9.70
C ALA A 171 2.19 -0.92 11.18
N TYR A 172 2.18 0.39 11.48
CA TYR A 172 2.06 1.01 12.79
C TYR A 172 0.65 1.03 13.38
N SER A 173 0.39 0.73 14.65
CA SER A 173 -0.90 0.85 15.30
C SER A 173 -0.70 0.88 16.81
N LEU A 174 -1.63 1.56 17.48
CA LEU A 174 -1.94 1.62 18.88
C LEU A 174 -3.06 0.65 19.21
N VAL A 175 -3.31 0.49 20.51
CA VAL A 175 -4.46 -0.16 21.10
C VAL A 175 -5.61 0.83 21.01
N GLY A 176 -6.68 0.49 20.29
CA GLY A 176 -7.84 1.35 20.18
C GLY A 176 -8.74 1.06 18.99
N ASN A 177 -9.60 2.03 18.67
CA ASN A 177 -10.58 2.13 17.61
C ASN A 177 -10.58 3.58 17.14
N GLY A 178 -9.58 3.95 16.34
CA GLY A 178 -9.39 5.21 15.65
C GLY A 178 -9.77 5.08 14.19
N ARG A 179 -10.01 6.27 13.63
CA ARG A 179 -10.34 6.60 12.25
C ARG A 179 -10.28 8.08 11.87
N PHE A 180 -10.24 8.36 10.56
CA PHE A 180 -10.52 9.67 10.02
C PHE A 180 -11.55 9.55 8.90
N SER A 181 -12.53 10.42 8.70
CA SER A 181 -13.59 10.37 7.71
C SER A 181 -13.11 10.57 6.28
N THR A 182 -12.33 9.60 5.78
CA THR A 182 -11.87 9.55 4.41
C THR A 182 -11.12 8.31 3.95
N GLY A 183 -10.84 8.16 2.66
CA GLY A 183 -10.11 7.17 1.91
C GLY A 183 -9.62 7.76 0.59
N VAL A 184 -9.84 7.01 -0.49
CA VAL A 184 -9.49 7.32 -1.86
C VAL A 184 -10.67 7.08 -2.79
N LYS A 185 -11.35 8.17 -3.15
CA LYS A 185 -12.49 8.05 -4.02
C LYS A 185 -12.12 7.26 -5.27
N LEU A 186 -12.81 6.13 -5.38
CA LEU A 186 -12.63 5.19 -6.48
C LEU A 186 -13.50 5.67 -7.64
N ASN A 187 -14.71 6.17 -7.36
CA ASN A 187 -15.71 6.71 -8.28
C ASN A 187 -16.58 7.68 -7.51
N GLY A 188 -17.06 8.66 -8.28
CA GLY A 188 -18.04 9.63 -7.80
C GLY A 188 -17.41 10.84 -7.11
N LYS A 189 -18.25 11.88 -7.16
CA LYS A 189 -17.96 13.22 -6.68
C LYS A 189 -17.52 13.38 -5.23
N HIS A 190 -16.27 13.80 -5.08
CA HIS A 190 -15.71 14.13 -3.78
C HIS A 190 -16.28 15.42 -3.20
N ILE A 191 -16.81 15.33 -1.97
CA ILE A 191 -17.73 16.20 -1.27
C ILE A 191 -18.87 16.61 -2.19
N GLU A 192 -20.07 16.26 -1.72
CA GLU A 192 -21.24 16.26 -2.58
C GLU A 192 -22.07 17.52 -2.39
N GLY A 193 -22.55 18.04 -3.53
CA GLY A 193 -23.27 19.29 -3.62
C GLY A 193 -22.50 20.38 -4.36
N SER A 194 -22.70 21.66 -4.02
CA SER A 194 -22.27 22.90 -4.62
C SER A 194 -22.10 24.02 -3.61
N PRO A 195 -21.08 24.84 -3.81
CA PRO A 195 -20.82 25.94 -2.89
C PRO A 195 -21.56 27.19 -3.33
N PHE A 196 -21.95 28.06 -2.40
CA PHE A 196 -22.68 29.29 -2.58
C PHE A 196 -22.62 30.40 -1.54
N LYS A 197 -22.67 31.68 -1.93
CA LYS A 197 -22.57 32.83 -1.06
C LYS A 197 -23.94 33.32 -0.61
N GLN A 198 -24.02 33.90 0.59
CA GLN A 198 -25.26 34.30 1.22
C GLN A 198 -25.72 35.66 0.72
N VAL A 199 -27.00 35.84 0.42
CA VAL A 199 -27.62 37.15 0.44
C VAL A 199 -28.33 37.51 1.74
N LEU A 200 -28.03 38.69 2.31
CA LEU A 200 -28.88 39.31 3.31
C LEU A 200 -29.55 40.56 2.77
N GLY A 201 -30.83 40.79 3.04
CA GLY A 201 -31.65 41.82 2.41
C GLY A 201 -32.95 41.32 1.79
N ASN A 202 -34.01 42.13 1.86
CA ASN A 202 -35.28 41.79 1.25
C ASN A 202 -36.05 43.08 0.98
N GLU A 203 -37.10 43.05 0.17
CA GLU A 203 -37.98 44.16 -0.10
C GLU A 203 -39.16 44.08 0.88
N LEU A 204 -39.74 45.23 1.23
CA LEU A 204 -39.43 46.57 0.79
C LEU A 204 -38.42 47.13 1.76
N PHE A 205 -37.82 48.26 1.38
CA PHE A 205 -37.10 49.17 2.25
C PHE A 205 -37.33 50.64 1.96
N SER A 206 -37.92 50.99 0.82
CA SER A 206 -38.19 52.34 0.35
C SER A 206 -39.63 52.77 0.58
N THR A 207 -39.92 54.00 1.00
CA THR A 207 -41.20 54.57 1.39
C THR A 207 -41.54 55.82 0.59
N PRO A 208 -42.79 56.29 0.65
CA PRO A 208 -43.26 57.46 -0.06
C PRO A 208 -42.43 58.73 0.07
N VAL A 209 -42.46 59.54 -1.00
CA VAL A 209 -41.66 60.74 -1.07
C VAL A 209 -42.11 61.79 -0.05
N TRP A 210 -43.34 61.61 0.43
CA TRP A 210 -43.88 62.13 1.67
C TRP A 210 -45.10 61.28 2.00
N ILE A 211 -45.49 61.28 3.27
CA ILE A 211 -46.73 60.73 3.81
C ILE A 211 -47.81 61.77 3.58
N SER A 212 -48.84 61.36 2.82
CA SER A 212 -49.80 62.38 2.45
C SER A 212 -50.83 62.74 3.52
N GLN A 213 -51.25 64.00 3.51
CA GLN A 213 -52.35 64.51 4.31
C GLN A 213 -53.59 63.87 3.68
N ALA A 214 -54.23 63.07 4.53
CA ALA A 214 -55.49 62.42 4.22
C ALA A 214 -56.74 63.29 4.17
N GLN A 215 -56.75 64.48 4.77
CA GLN A 215 -57.92 65.31 4.98
C GLN A 215 -57.53 66.78 5.03
N GLY A 216 -58.51 67.67 5.04
CA GLY A 216 -58.32 69.04 5.46
C GLY A 216 -59.13 69.47 6.68
N ILE A 217 -60.39 69.02 6.71
CA ILE A 217 -61.43 69.10 7.71
C ILE A 217 -62.20 70.40 7.62
N ARG A 218 -61.49 71.51 7.90
CA ARG A 218 -61.96 72.84 8.23
C ARG A 218 -62.98 73.26 7.19
N ALA A 219 -64.19 73.58 7.66
CA ALA A 219 -65.21 74.05 6.75
C ALA A 219 -65.48 75.55 6.73
N GLY A 220 -66.56 76.01 6.11
CA GLY A 220 -66.86 77.42 5.91
C GLY A 220 -66.93 78.15 7.25
N PRO A 221 -66.19 79.26 7.40
CA PRO A 221 -66.12 80.11 8.56
C PRO A 221 -67.16 81.22 8.61
N HIS A 1 10.99 -20.19 46.05
CA HIS A 1 9.85 -20.73 46.78
C HIS A 1 10.14 -22.16 47.24
N HIS A 2 9.70 -22.50 48.46
CA HIS A 2 9.49 -23.87 48.88
C HIS A 2 8.09 -24.01 49.43
N HIS A 3 7.50 -25.21 49.41
CA HIS A 3 6.37 -25.60 50.24
C HIS A 3 6.72 -25.77 51.71
N HIS A 4 5.71 -25.77 52.58
CA HIS A 4 5.89 -26.20 53.95
C HIS A 4 6.38 -27.64 54.03
N HIS A 5 7.08 -28.07 55.08
CA HIS A 5 7.65 -29.40 55.17
C HIS A 5 6.54 -30.42 55.37
N HIS A 6 6.71 -31.48 54.58
CA HIS A 6 5.87 -32.64 54.70
C HIS A 6 6.67 -33.94 54.59
N ALA A 7 6.49 -34.87 55.53
CA ALA A 7 7.12 -36.16 55.72
C ALA A 7 6.27 -37.33 55.22
N SER A 8 5.45 -37.02 54.21
CA SER A 8 4.43 -37.88 53.63
C SER A 8 3.95 -37.29 52.30
N LYS A 9 3.51 -38.10 51.34
CA LYS A 9 2.89 -37.66 50.11
C LYS A 9 1.40 -37.92 49.99
N PRO A 10 0.61 -36.87 50.20
CA PRO A 10 -0.77 -36.82 49.77
C PRO A 10 -1.13 -37.43 48.43
N ALA A 11 -2.29 -38.10 48.42
CA ALA A 11 -2.76 -38.64 47.16
C ALA A 11 -3.63 -37.61 46.46
N PRO A 12 -3.97 -37.86 45.19
CA PRO A 12 -5.04 -37.15 44.52
C PRO A 12 -6.45 -37.31 45.08
N SER A 13 -7.16 -36.17 45.13
CA SER A 13 -8.61 -36.18 45.14
C SER A 13 -9.17 -36.32 43.72
N ALA A 14 -9.86 -37.43 43.48
CA ALA A 14 -10.72 -37.74 42.36
C ALA A 14 -11.75 -36.67 42.09
N GLU A 15 -12.29 -36.05 43.15
CA GLU A 15 -13.22 -34.94 43.17
C GLU A 15 -12.61 -33.69 42.56
N HIS A 16 -11.41 -33.29 42.99
CA HIS A 16 -10.91 -31.91 43.01
C HIS A 16 -9.75 -31.68 42.04
N SER A 17 -9.00 -32.71 41.67
CA SER A 17 -7.99 -32.54 40.65
C SER A 17 -8.66 -32.31 39.31
N TYR A 18 -8.02 -31.48 38.47
CA TYR A 18 -8.57 -30.86 37.29
C TYR A 18 -7.49 -30.52 36.28
N ALA A 19 -7.91 -30.00 35.12
CA ALA A 19 -7.03 -29.47 34.10
C ALA A 19 -7.65 -28.24 33.44
N GLU A 20 -6.76 -27.28 33.18
CA GLU A 20 -7.10 -26.02 32.55
C GLU A 20 -5.95 -25.53 31.69
N GLY A 21 -6.32 -25.09 30.48
CA GLY A 21 -5.52 -24.17 29.70
C GLY A 21 -6.08 -23.95 28.30
N GLU A 22 -5.22 -23.31 27.50
CA GLU A 22 -5.46 -23.01 26.10
C GLU A 22 -5.82 -24.27 25.34
N GLY A 23 -5.29 -25.46 25.64
CA GLY A 23 -5.73 -26.77 25.18
C GLY A 23 -7.21 -27.10 25.24
N LEU A 24 -8.01 -26.35 26.00
CA LEU A 24 -9.46 -26.42 26.09
C LEU A 24 -10.17 -25.14 25.68
N VAL A 25 -9.53 -24.27 24.90
CA VAL A 25 -10.11 -22.97 24.65
C VAL A 25 -10.05 -22.63 23.16
N LYS A 26 -8.82 -22.63 22.64
CA LYS A 26 -8.48 -21.84 21.48
C LYS A 26 -7.39 -22.57 20.71
N VAL A 27 -7.81 -23.28 19.65
CA VAL A 27 -7.10 -24.44 19.17
C VAL A 27 -7.13 -24.51 17.65
N PHE A 28 -6.04 -24.73 16.92
CA PHE A 28 -6.03 -24.32 15.53
C PHE A 28 -5.66 -25.34 14.45
N ASP A 29 -6.21 -25.22 13.24
CA ASP A 29 -5.95 -26.14 12.15
C ASP A 29 -4.50 -26.15 11.71
N ASN A 30 -3.65 -25.20 12.08
CA ASN A 30 -2.21 -25.23 11.89
C ASN A 30 -1.35 -25.33 13.14
N ALA A 31 -1.96 -25.44 14.32
CA ALA A 31 -1.21 -25.27 15.54
C ALA A 31 -1.62 -25.95 16.85
N PRO A 32 -0.66 -26.48 17.61
CA PRO A 32 -0.81 -27.31 18.79
C PRO A 32 -1.16 -26.46 20.00
N ALA A 33 -1.72 -27.09 21.04
CA ALA A 33 -2.20 -26.38 22.20
C ALA A 33 -1.93 -27.10 23.52
N GLU A 34 -1.83 -26.31 24.59
CA GLU A 34 -1.33 -26.72 25.88
C GLU A 34 -2.30 -26.36 26.99
N PHE A 35 -2.26 -27.13 28.07
CA PHE A 35 -3.14 -27.10 29.22
C PHE A 35 -2.41 -27.81 30.36
N THR A 36 -2.75 -27.46 31.60
CA THR A 36 -2.00 -27.89 32.76
C THR A 36 -2.89 -28.67 33.71
N ILE A 37 -2.41 -29.85 34.10
CA ILE A 37 -2.95 -30.63 35.20
C ILE A 37 -2.52 -29.96 36.50
N PHE A 38 -3.52 -29.30 37.10
CA PHE A 38 -3.45 -28.77 38.45
C PHE A 38 -4.00 -29.82 39.41
N ALA A 39 -3.15 -30.34 40.30
CA ALA A 39 -3.47 -31.44 41.19
C ALA A 39 -3.75 -30.89 42.58
N VAL A 40 -4.69 -31.62 43.18
CA VAL A 40 -5.27 -31.35 44.48
C VAL A 40 -5.47 -32.63 45.27
N ASP A 41 -4.95 -32.57 46.49
CA ASP A 41 -5.03 -33.78 47.30
C ASP A 41 -6.39 -34.16 47.88
N THR A 42 -6.31 -35.34 48.51
CA THR A 42 -7.33 -35.98 49.32
C THR A 42 -7.98 -35.15 50.41
N LYS A 43 -7.39 -33.99 50.73
CA LYS A 43 -7.96 -33.16 51.77
C LYS A 43 -8.49 -31.85 51.21
N GLY A 44 -8.46 -31.63 49.90
CA GLY A 44 -8.84 -30.42 49.19
C GLY A 44 -7.77 -29.37 48.95
N VAL A 45 -6.49 -29.71 49.16
CA VAL A 45 -5.35 -28.83 49.10
C VAL A 45 -4.37 -29.18 47.98
N ALA A 46 -4.15 -28.28 47.03
CA ALA A 46 -3.09 -28.33 46.05
C ALA A 46 -1.84 -29.13 46.39
N ARG A 47 -1.35 -29.84 45.36
CA ARG A 47 -0.21 -30.73 45.39
C ARG A 47 1.09 -29.92 45.38
N THR A 48 2.13 -30.53 45.94
CA THR A 48 3.40 -29.95 46.35
C THR A 48 4.63 -30.60 45.75
N ASP A 49 4.45 -31.65 44.94
CA ASP A 49 5.53 -32.51 44.51
C ASP A 49 5.20 -33.34 43.28
N GLY A 50 6.16 -33.98 42.61
CA GLY A 50 5.89 -34.86 41.50
C GLY A 50 5.25 -36.25 41.60
N GLY A 51 5.00 -36.87 40.45
CA GLY A 51 4.77 -38.30 40.30
C GLY A 51 3.49 -38.76 40.96
N ASP A 52 2.34 -38.11 40.74
CA ASP A 52 1.03 -38.71 40.80
C ASP A 52 0.54 -39.43 39.56
N PRO A 53 -0.30 -40.46 39.63
CA PRO A 53 -0.52 -41.36 38.51
C PRO A 53 -1.70 -40.80 37.73
N PHE A 54 -1.54 -39.57 37.25
CA PHE A 54 -2.32 -39.16 36.11
C PHE A 54 -2.01 -39.79 34.75
N GLU A 55 -3.00 -39.80 33.87
CA GLU A 55 -2.91 -40.32 32.52
C GLU A 55 -3.78 -39.50 31.59
N VAL A 56 -3.40 -39.32 30.32
CA VAL A 56 -4.14 -38.41 29.45
C VAL A 56 -4.58 -39.10 28.16
N ALA A 57 -5.81 -38.80 27.72
CA ALA A 57 -6.38 -39.43 26.55
C ALA A 57 -7.20 -38.46 25.72
N ILE A 58 -7.19 -38.37 24.39
CA ILE A 58 -7.89 -37.49 23.47
C ILE A 58 -8.43 -38.29 22.30
N ASN A 59 -9.70 -38.06 21.92
CA ASN A 59 -10.56 -38.61 20.91
C ASN A 59 -11.03 -37.53 19.94
N GLY A 60 -11.26 -37.84 18.67
CA GLY A 60 -11.55 -36.86 17.65
C GLY A 60 -12.47 -37.33 16.54
N PRO A 61 -12.50 -36.65 15.39
CA PRO A 61 -13.34 -36.93 14.26
C PRO A 61 -13.05 -38.32 13.70
N ASP A 62 -14.07 -38.97 13.13
CA ASP A 62 -14.06 -40.29 12.54
C ASP A 62 -13.68 -41.32 13.61
N GLY A 63 -12.67 -42.17 13.45
CA GLY A 63 -12.24 -43.14 14.44
C GLY A 63 -11.17 -42.54 15.35
N LEU A 64 -10.63 -41.35 15.07
CA LEU A 64 -9.33 -40.83 15.47
C LEU A 64 -9.17 -40.69 16.98
N VAL A 65 -8.16 -41.28 17.61
CA VAL A 65 -7.57 -40.76 18.83
C VAL A 65 -6.17 -40.15 18.74
N VAL A 66 -5.89 -39.28 19.71
CA VAL A 66 -4.74 -38.39 19.72
C VAL A 66 -3.91 -38.63 20.98
N ASP A 67 -2.59 -38.68 20.82
CA ASP A 67 -1.68 -38.96 21.91
C ASP A 67 -1.21 -37.72 22.65
N ALA A 68 -1.48 -37.57 23.95
CA ALA A 68 -0.98 -36.54 24.84
C ALA A 68 0.52 -36.51 25.08
N LYS A 69 1.14 -35.35 25.29
CA LYS A 69 2.54 -35.32 25.67
C LYS A 69 2.54 -34.69 27.05
N VAL A 70 3.02 -35.38 28.08
CA VAL A 70 2.92 -34.89 29.44
C VAL A 70 4.32 -34.58 29.95
N THR A 71 4.40 -33.51 30.75
CA THR A 71 5.60 -33.18 31.48
C THR A 71 5.30 -32.70 32.91
N ASP A 72 5.82 -33.49 33.85
CA ASP A 72 5.76 -33.35 35.29
C ASP A 72 6.82 -32.37 35.74
N ASN A 73 6.38 -31.31 36.42
CA ASN A 73 7.29 -30.33 36.99
C ASN A 73 7.96 -30.75 38.29
N ASN A 74 7.70 -31.88 38.97
CA ASN A 74 8.27 -32.23 40.26
C ASN A 74 7.71 -31.37 41.38
N ASP A 75 6.51 -30.80 41.28
CA ASP A 75 6.13 -29.67 42.12
C ASP A 75 4.64 -29.67 42.38
N GLY A 76 3.84 -30.46 41.66
CA GLY A 76 2.40 -30.50 41.86
C GLY A 76 1.47 -30.05 40.75
N THR A 77 2.00 -29.72 39.57
CA THR A 77 1.34 -29.44 38.31
C THR A 77 2.04 -30.11 37.15
N TYR A 78 1.36 -30.36 36.03
CA TYR A 78 1.93 -30.97 34.84
C TYR A 78 1.59 -30.13 33.63
N GLY A 79 2.53 -29.96 32.68
CA GLY A 79 2.33 -29.56 31.31
C GLY A 79 1.82 -30.66 30.39
N VAL A 80 0.80 -30.22 29.64
CA VAL A 80 0.19 -31.02 28.59
C VAL A 80 0.12 -30.34 27.23
N VAL A 81 0.59 -31.04 26.18
CA VAL A 81 0.45 -30.53 24.84
C VAL A 81 0.02 -31.60 23.83
N TYR A 82 -0.82 -31.17 22.89
CA TYR A 82 -1.25 -32.03 21.81
C TYR A 82 -1.57 -31.23 20.55
N ASP A 83 -1.99 -31.90 19.48
CA ASP A 83 -2.37 -31.34 18.20
C ASP A 83 -3.63 -31.99 17.65
N ALA A 84 -4.75 -31.26 17.69
CA ALA A 84 -5.95 -31.56 16.94
C ALA A 84 -5.70 -31.35 15.46
N PRO A 85 -5.66 -32.38 14.61
CA PRO A 85 -5.19 -32.35 13.24
C PRO A 85 -6.01 -31.56 12.23
N VAL A 86 -7.21 -31.10 12.56
CA VAL A 86 -8.11 -30.41 11.65
C VAL A 86 -9.03 -29.47 12.43
N GLU A 87 -9.52 -28.43 11.77
CA GLU A 87 -10.79 -27.82 12.07
C GLU A 87 -11.93 -28.82 12.30
N GLY A 88 -12.66 -28.65 13.40
CA GLY A 88 -13.71 -29.51 13.90
C GLY A 88 -13.73 -29.54 15.42
N ASN A 89 -14.16 -30.66 16.01
CA ASN A 89 -14.28 -30.90 17.43
C ASN A 89 -13.46 -32.10 17.92
N TYR A 90 -13.09 -32.08 19.19
CA TYR A 90 -12.19 -33.01 19.83
C TYR A 90 -12.53 -33.09 21.31
N ASN A 91 -12.17 -34.21 21.94
CA ASN A 91 -12.67 -34.65 23.23
C ASN A 91 -11.52 -35.09 24.14
N VAL A 92 -11.36 -34.31 25.20
CA VAL A 92 -10.19 -34.30 26.06
C VAL A 92 -10.52 -34.92 27.41
N ASN A 93 -9.60 -35.71 27.93
CA ASN A 93 -9.67 -36.53 29.14
C ASN A 93 -8.36 -36.87 29.82
N VAL A 94 -8.20 -36.19 30.96
CA VAL A 94 -7.30 -36.58 32.03
C VAL A 94 -8.09 -37.37 33.07
N THR A 95 -7.41 -38.37 33.61
CA THR A 95 -7.97 -39.36 34.51
C THR A 95 -7.14 -39.75 35.72
N LEU A 96 -7.10 -40.99 36.23
CA LEU A 96 -6.19 -41.52 37.21
C LEU A 96 -5.92 -43.02 37.10
N ARG A 97 -4.77 -43.51 37.57
CA ARG A 97 -4.78 -44.81 38.22
C ARG A 97 -5.61 -44.75 39.49
N GLY A 98 -6.89 -45.12 39.43
CA GLY A 98 -7.96 -45.01 40.40
C GLY A 98 -9.11 -44.20 39.82
N ASN A 99 -9.84 -43.58 40.76
CA ASN A 99 -11.09 -42.92 40.45
C ASN A 99 -10.79 -41.66 39.66
N PRO A 100 -11.20 -41.58 38.39
CA PRO A 100 -10.70 -40.57 37.48
C PRO A 100 -11.28 -39.19 37.71
N ILE A 101 -10.57 -38.18 37.20
CA ILE A 101 -10.66 -36.79 37.61
C ILE A 101 -11.72 -36.03 36.83
N LYS A 102 -12.51 -35.17 37.48
CA LYS A 102 -13.62 -34.48 36.87
C LYS A 102 -13.16 -33.13 36.36
N ASN A 103 -14.04 -32.31 35.77
CA ASN A 103 -13.78 -31.27 34.79
C ASN A 103 -13.46 -31.88 33.43
N MET A 104 -12.62 -32.91 33.46
CA MET A 104 -12.56 -33.96 32.47
C MET A 104 -13.83 -34.80 32.61
N PRO A 105 -14.31 -35.50 31.58
CA PRO A 105 -13.98 -35.27 30.20
C PRO A 105 -14.69 -34.02 29.68
N ILE A 106 -14.13 -33.49 28.58
CA ILE A 106 -14.58 -32.25 28.00
C ILE A 106 -14.34 -32.18 26.50
N ASP A 107 -15.24 -31.62 25.69
CA ASP A 107 -15.16 -31.35 24.27
C ASP A 107 -14.73 -29.92 23.94
N VAL A 108 -13.82 -29.84 22.97
CA VAL A 108 -12.96 -28.73 22.62
C VAL A 108 -13.23 -28.53 21.13
N LYS A 109 -13.24 -27.27 20.67
CA LYS A 109 -13.44 -26.86 19.30
C LYS A 109 -12.20 -26.25 18.65
N CYS A 110 -12.03 -26.46 17.36
CA CYS A 110 -10.85 -26.10 16.59
C CYS A 110 -11.33 -25.28 15.40
N ILE A 111 -10.59 -24.22 15.09
CA ILE A 111 -10.85 -23.24 14.05
C ILE A 111 -9.57 -22.92 13.28
N GLU A 112 -9.73 -22.41 12.07
CA GLU A 112 -8.63 -22.09 11.16
C GLU A 112 -7.60 -21.12 11.74
N GLY A 113 -6.32 -21.50 11.74
CA GLY A 113 -5.18 -20.62 11.59
C GLY A 113 -4.51 -20.79 10.24
N ALA A 114 -4.06 -19.68 9.65
CA ALA A 114 -3.47 -19.69 8.33
C ALA A 114 -2.24 -20.58 8.16
N ASN A 115 -2.23 -21.42 7.12
CA ASN A 115 -1.10 -22.24 6.76
C ASN A 115 0.19 -21.50 6.48
N GLY A 116 0.17 -20.52 5.57
CA GLY A 116 1.30 -19.71 5.12
C GLY A 116 1.27 -18.30 5.69
N GLU A 117 1.85 -17.34 4.97
CA GLU A 117 1.49 -15.95 5.14
C GLU A 117 0.21 -15.58 4.40
N ASP A 118 -0.45 -14.52 4.86
CA ASP A 118 -1.81 -14.29 4.41
C ASP A 118 -2.26 -12.85 4.63
N SER A 119 -3.02 -12.15 3.79
CA SER A 119 -3.60 -12.60 2.54
C SER A 119 -2.54 -12.96 1.51
N SER A 120 -1.51 -12.13 1.37
CA SER A 120 -0.61 -12.12 0.22
C SER A 120 0.43 -11.02 0.44
N PHE A 121 1.51 -10.90 -0.33
CA PHE A 121 2.34 -9.72 -0.47
C PHE A 121 1.84 -8.90 -1.65
N GLY A 122 1.62 -7.60 -1.43
CA GLY A 122 1.02 -6.64 -2.33
C GLY A 122 1.11 -5.18 -1.93
N SER A 123 0.11 -4.45 -2.41
CA SER A 123 0.05 -3.01 -2.25
C SER A 123 -1.36 -2.44 -2.36
N PHE A 124 -1.75 -1.81 -3.46
CA PHE A 124 -3.04 -1.17 -3.66
C PHE A 124 -3.68 -1.19 -5.03
N THR A 125 -5.02 -1.17 -5.05
CA THR A 125 -5.81 -1.47 -6.23
C THR A 125 -6.96 -0.49 -6.41
N PHE A 126 -7.39 -0.33 -7.66
CA PHE A 126 -8.40 0.65 -8.03
C PHE A 126 -9.78 0.36 -7.47
N THR A 127 -10.62 1.39 -7.29
CA THR A 127 -11.96 1.41 -6.75
C THR A 127 -12.94 0.56 -7.55
N VAL A 128 -13.91 0.04 -6.80
CA VAL A 128 -14.98 -0.80 -7.30
C VAL A 128 -15.96 0.04 -8.12
N ALA A 129 -16.35 -0.53 -9.26
CA ALA A 129 -17.35 -0.01 -10.17
C ALA A 129 -17.84 -1.07 -11.14
N ALA A 130 -19.05 -0.87 -11.68
CA ALA A 130 -19.59 -1.81 -12.65
C ALA A 130 -18.98 -1.62 -14.02
N LYS A 131 -18.94 -2.68 -14.84
CA LYS A 131 -18.26 -2.71 -16.12
C LYS A 131 -18.66 -1.56 -17.03
N ASN A 132 -19.85 -0.98 -16.82
CA ASN A 132 -20.37 0.08 -17.65
C ASN A 132 -19.89 1.47 -17.23
N LYS A 133 -19.35 1.64 -16.03
CA LYS A 133 -18.82 2.88 -15.48
C LYS A 133 -17.34 3.09 -15.79
N LYS A 134 -16.98 4.30 -16.21
CA LYS A 134 -15.62 4.66 -16.56
C LYS A 134 -14.70 4.71 -15.34
N GLY A 135 -13.63 3.94 -15.50
CA GLY A 135 -12.44 3.95 -14.66
C GLY A 135 -11.19 4.60 -15.23
N GLU A 136 -10.21 4.88 -14.38
CA GLU A 136 -8.98 5.59 -14.68
C GLU A 136 -7.77 4.66 -14.65
N VAL A 137 -6.92 4.78 -15.66
CA VAL A 137 -5.74 3.97 -15.90
C VAL A 137 -4.40 4.67 -15.70
N LYS A 138 -4.35 5.97 -16.02
CA LYS A 138 -3.13 6.76 -15.92
C LYS A 138 -2.59 7.12 -14.56
N THR A 139 -3.40 7.08 -13.49
CA THR A 139 -3.14 7.41 -12.11
C THR A 139 -3.08 6.15 -11.26
N TYR A 140 -2.22 6.12 -10.24
CA TYR A 140 -2.06 5.00 -9.34
C TYR A 140 -1.83 5.52 -7.92
N GLY A 141 -2.59 4.93 -6.99
CA GLY A 141 -2.69 5.39 -5.62
C GLY A 141 -3.62 6.59 -5.58
N GLY A 142 -3.59 7.35 -4.48
CA GLY A 142 -4.57 8.35 -4.11
C GLY A 142 -5.95 7.87 -3.66
N ASP A 143 -6.93 8.56 -4.22
CA ASP A 143 -8.28 8.62 -3.68
C ASP A 143 -9.15 7.53 -4.28
N LYS A 144 -9.15 7.25 -5.59
CA LYS A 144 -9.86 6.18 -6.25
C LYS A 144 -9.18 4.83 -6.16
N PHE A 145 -8.47 4.60 -5.04
CA PHE A 145 -7.85 3.38 -4.60
C PHE A 145 -8.41 2.84 -3.29
N GLU A 146 -8.41 1.53 -3.03
CA GLU A 146 -8.57 0.85 -1.75
C GLU A 146 -7.16 0.46 -1.31
N VAL A 147 -6.77 0.56 -0.05
CA VAL A 147 -5.44 0.20 0.42
C VAL A 147 -5.61 -0.95 1.40
N SER A 148 -5.43 -2.17 0.90
CA SER A 148 -5.44 -3.43 1.62
C SER A 148 -4.18 -3.78 2.38
N ILE A 149 -3.11 -2.99 2.21
CA ILE A 149 -2.00 -3.04 3.14
C ILE A 149 -2.12 -2.03 4.27
N THR A 150 -1.28 -2.14 5.32
CA THR A 150 -1.13 -1.16 6.36
C THR A 150 0.06 -0.33 5.88
N GLY A 151 -0.29 0.78 5.22
CA GLY A 151 0.59 1.72 4.56
C GLY A 151 -0.09 2.68 3.60
N PRO A 152 0.63 3.70 3.12
CA PRO A 152 0.13 4.82 2.35
C PRO A 152 0.03 4.48 0.87
N ALA A 153 -0.70 5.39 0.20
CA ALA A 153 -0.81 5.35 -1.25
C ALA A 153 -0.61 6.73 -1.87
N GLU A 154 0.64 7.19 -2.03
CA GLU A 154 0.91 8.47 -2.65
C GLU A 154 0.54 8.42 -4.13
N GLU A 155 -0.22 9.42 -4.59
CA GLU A 155 -0.57 9.54 -5.99
C GLU A 155 0.55 9.77 -7.00
N ILE A 156 0.65 8.85 -7.96
CA ILE A 156 1.61 8.89 -9.04
C ILE A 156 1.04 8.49 -10.40
N THR A 157 1.76 8.91 -11.45
CA THR A 157 1.48 8.52 -12.81
C THR A 157 2.02 7.12 -13.05
N LEU A 158 1.27 6.18 -13.62
CA LEU A 158 1.55 4.81 -14.02
C LEU A 158 2.63 4.82 -15.09
N ASP A 159 3.53 3.83 -15.05
CA ASP A 159 4.63 3.62 -15.98
C ASP A 159 4.97 2.14 -16.06
N ALA A 160 5.32 1.67 -17.26
CA ALA A 160 5.77 0.35 -17.65
C ALA A 160 7.21 0.05 -17.27
N ILE A 161 7.42 -0.09 -15.95
CA ILE A 161 8.66 -0.21 -15.20
C ILE A 161 9.22 -1.62 -15.30
N ASP A 162 10.51 -1.79 -14.98
CA ASP A 162 11.06 -3.10 -14.71
C ASP A 162 10.49 -3.77 -13.47
N ASN A 163 10.33 -5.09 -13.54
CA ASN A 163 9.92 -5.92 -12.43
C ASN A 163 10.90 -5.93 -11.26
N GLN A 164 12.17 -5.54 -11.32
CA GLN A 164 13.07 -5.60 -10.19
C GLN A 164 14.05 -4.46 -9.95
N ASP A 165 14.47 -3.82 -11.03
CA ASP A 165 15.19 -2.55 -11.00
C ASP A 165 14.32 -1.36 -10.68
N GLY A 166 14.51 -0.76 -9.50
CA GLY A 166 13.74 0.36 -8.98
C GLY A 166 12.62 0.06 -7.99
N THR A 167 12.17 -1.19 -7.85
CA THR A 167 11.15 -1.70 -6.95
C THR A 167 11.24 -1.29 -5.49
N TYR A 168 12.46 -1.00 -5.07
CA TYR A 168 12.72 -0.39 -3.77
C TYR A 168 12.04 0.90 -3.35
N THR A 169 11.60 1.79 -4.26
CA THR A 169 10.90 3.01 -3.96
C THR A 169 9.43 2.85 -3.55
N ALA A 170 8.66 1.98 -4.21
CA ALA A 170 7.31 1.54 -3.97
C ALA A 170 7.05 0.81 -2.66
N ALA A 171 5.74 0.55 -2.49
CA ALA A 171 5.23 0.05 -1.23
C ALA A 171 4.88 -1.40 -1.51
N TYR A 172 5.39 -2.39 -0.75
CA TYR A 172 5.19 -3.80 -0.99
C TYR A 172 5.33 -4.59 0.31
N SER A 173 4.26 -5.16 0.86
CA SER A 173 4.06 -5.69 2.19
C SER A 173 2.90 -6.68 2.19
N LEU A 174 2.61 -7.14 3.42
CA LEU A 174 1.55 -8.07 3.73
C LEU A 174 0.16 -7.48 3.60
N VAL A 175 -0.62 -8.00 2.65
CA VAL A 175 -2.02 -7.70 2.47
C VAL A 175 -2.86 -8.36 3.57
N GLY A 176 -3.77 -7.52 4.07
CA GLY A 176 -4.83 -7.76 5.02
C GLY A 176 -6.14 -7.08 4.61
N ASN A 177 -6.90 -6.60 5.59
CA ASN A 177 -8.17 -5.97 5.32
C ASN A 177 -8.07 -4.59 4.69
N GLY A 178 -8.82 -4.34 3.63
CA GLY A 178 -9.00 -3.10 2.90
C GLY A 178 -9.41 -1.92 3.78
N ARG A 179 -8.69 -0.82 3.59
CA ARG A 179 -8.98 0.48 4.19
C ARG A 179 -8.93 1.59 3.15
N PHE A 180 -9.72 2.66 3.26
CA PHE A 180 -9.72 3.76 2.31
C PHE A 180 -10.41 3.37 1.00
N SER A 181 -10.94 4.38 0.29
CA SER A 181 -11.36 4.40 -1.10
C SER A 181 -12.48 5.39 -1.34
N THR A 182 -12.45 6.25 -2.36
CA THR A 182 -13.49 7.03 -3.00
C THR A 182 -13.98 6.25 -4.22
N GLY A 183 -15.25 6.49 -4.54
CA GLY A 183 -15.93 5.79 -5.61
C GLY A 183 -15.78 6.43 -6.99
N VAL A 184 -16.51 5.80 -7.92
CA VAL A 184 -16.98 6.42 -9.13
C VAL A 184 -18.27 7.19 -8.91
N LYS A 185 -18.41 8.31 -9.63
CA LYS A 185 -19.60 9.12 -9.80
C LYS A 185 -20.72 8.47 -10.61
N LEU A 186 -21.92 8.50 -10.03
CA LEU A 186 -23.11 7.89 -10.58
C LEU A 186 -24.10 8.78 -11.32
N ASN A 187 -24.32 9.98 -10.74
CA ASN A 187 -25.24 11.06 -11.03
C ASN A 187 -24.81 11.93 -12.20
N GLY A 188 -25.63 12.87 -12.67
CA GLY A 188 -25.32 13.89 -13.65
C GLY A 188 -24.71 15.09 -12.95
N LYS A 189 -24.86 16.25 -13.60
CA LYS A 189 -24.25 17.49 -13.14
C LYS A 189 -25.05 18.10 -12.01
N HIS A 190 -26.16 17.54 -11.53
CA HIS A 190 -26.88 17.94 -10.34
C HIS A 190 -25.99 17.78 -9.11
N ILE A 191 -26.22 18.67 -8.14
CA ILE A 191 -25.65 18.86 -6.82
C ILE A 191 -26.82 19.02 -5.86
N GLU A 192 -26.73 18.22 -4.79
CA GLU A 192 -27.35 18.41 -3.50
C GLU A 192 -26.38 18.98 -2.48
N GLY A 193 -26.74 19.90 -1.58
CA GLY A 193 -25.97 20.30 -0.41
C GLY A 193 -25.22 21.61 -0.47
N SER A 194 -25.53 22.35 -1.55
CA SER A 194 -24.96 23.64 -1.87
C SER A 194 -25.34 24.70 -0.85
N PRO A 195 -24.49 25.57 -0.30
CA PRO A 195 -24.80 26.76 0.47
C PRO A 195 -26.04 27.50 -0.02
N PHE A 196 -26.99 27.65 0.91
CA PHE A 196 -28.20 28.44 0.73
C PHE A 196 -28.02 29.81 1.36
N LYS A 197 -28.87 30.77 0.98
CA LYS A 197 -28.60 32.18 1.24
C LYS A 197 -28.57 32.57 2.70
N GLN A 198 -27.75 33.57 3.05
CA GLN A 198 -27.89 34.27 4.31
C GLN A 198 -28.22 35.72 4.05
N VAL A 199 -29.07 36.35 4.88
CA VAL A 199 -29.67 37.65 4.69
C VAL A 199 -28.73 38.77 5.10
N LEU A 200 -28.82 39.79 4.24
CA LEU A 200 -28.19 41.04 4.58
C LEU A 200 -29.01 42.19 4.02
N GLY A 201 -29.58 43.07 4.84
CA GLY A 201 -30.33 44.26 4.46
C GLY A 201 -31.77 44.01 4.08
N ASN A 202 -32.50 45.10 3.86
CA ASN A 202 -33.88 45.00 3.42
C ASN A 202 -34.10 45.45 1.98
N GLU A 203 -34.84 44.70 1.17
CA GLU A 203 -34.95 44.91 -0.26
C GLU A 203 -36.33 44.55 -0.78
N LEU A 204 -36.84 45.19 -1.84
CA LEU A 204 -36.36 46.23 -2.72
C LEU A 204 -36.25 47.54 -1.96
N PHE A 205 -35.48 48.48 -2.51
CA PHE A 205 -35.17 49.77 -1.95
C PHE A 205 -36.47 50.55 -1.83
N SER A 206 -36.65 51.24 -0.70
CA SER A 206 -37.87 51.90 -0.31
C SER A 206 -37.90 53.37 -0.70
N THR A 207 -38.82 53.87 -1.52
CA THR A 207 -38.69 55.15 -2.21
C THR A 207 -39.03 56.28 -1.25
N PRO A 208 -38.21 57.33 -1.11
CA PRO A 208 -38.51 58.52 -0.32
C PRO A 208 -39.70 59.24 -0.94
N VAL A 209 -40.74 59.50 -0.15
CA VAL A 209 -41.93 60.29 -0.40
C VAL A 209 -42.65 60.65 0.89
N TRP A 210 -43.49 61.70 0.84
CA TRP A 210 -44.32 62.19 1.92
C TRP A 210 -45.60 61.41 2.11
N ILE A 211 -46.01 61.12 3.34
CA ILE A 211 -47.31 60.55 3.62
C ILE A 211 -48.36 61.60 3.28
N SER A 212 -49.38 61.40 2.45
CA SER A 212 -50.34 62.44 2.13
C SER A 212 -51.48 62.43 3.14
N GLN A 213 -52.13 63.59 3.25
CA GLN A 213 -53.34 63.94 3.96
C GLN A 213 -54.61 63.17 3.66
N ALA A 214 -55.55 63.03 4.60
CA ALA A 214 -56.95 62.70 4.47
C ALA A 214 -57.80 63.89 4.92
N GLN A 215 -59.05 64.01 4.48
CA GLN A 215 -59.84 65.19 4.85
C GLN A 215 -60.21 65.21 6.32
N GLY A 216 -60.43 66.43 6.82
CA GLY A 216 -61.16 66.83 8.02
C GLY A 216 -62.66 67.02 7.91
N ILE A 217 -63.24 67.85 8.77
CA ILE A 217 -64.64 68.20 8.92
C ILE A 217 -64.88 69.71 8.90
N ARG A 218 -63.85 70.56 8.92
CA ARG A 218 -63.96 72.01 8.94
C ARG A 218 -64.73 72.33 7.66
N ALA A 219 -65.81 73.09 7.81
CA ALA A 219 -66.72 73.66 6.83
C ALA A 219 -66.67 75.18 6.74
N GLY A 220 -67.76 75.89 6.48
CA GLY A 220 -67.78 77.32 6.33
C GLY A 220 -68.21 77.95 7.65
N PRO A 221 -67.54 78.99 8.17
CA PRO A 221 -67.88 79.84 9.28
C PRO A 221 -68.69 81.06 8.85
N HIS A 1 34.46 -1.69 -25.52
CA HIS A 1 35.77 -1.97 -26.13
C HIS A 1 36.93 -1.82 -25.15
N HIS A 2 37.81 -2.81 -25.02
CA HIS A 2 38.98 -2.81 -24.16
C HIS A 2 40.07 -1.83 -24.54
N HIS A 3 40.64 -1.16 -23.54
CA HIS A 3 41.73 -0.21 -23.62
C HIS A 3 42.72 -0.45 -22.50
N HIS A 4 43.96 -0.82 -22.83
CA HIS A 4 45.06 -0.80 -21.91
C HIS A 4 45.64 0.61 -21.94
N HIS A 5 45.87 1.24 -23.10
CA HIS A 5 46.51 2.54 -23.17
C HIS A 5 45.60 3.68 -22.75
N HIS A 6 46.13 4.90 -22.62
CA HIS A 6 45.50 6.02 -21.96
C HIS A 6 44.40 6.57 -22.87
N ALA A 7 44.77 6.91 -24.11
CA ALA A 7 44.00 7.57 -25.14
C ALA A 7 43.08 6.59 -25.83
N SER A 8 41.83 6.96 -26.16
CA SER A 8 40.74 6.02 -26.32
C SER A 8 39.40 6.59 -26.78
N LYS A 9 38.66 5.78 -27.54
CA LYS A 9 37.42 6.07 -28.23
C LYS A 9 36.32 5.06 -27.94
N PRO A 10 35.17 5.51 -27.45
CA PRO A 10 34.06 4.66 -27.08
C PRO A 10 33.52 3.76 -28.19
N ALA A 11 32.83 2.65 -27.88
CA ALA A 11 32.03 1.89 -28.82
C ALA A 11 30.54 1.95 -28.58
N PRO A 12 29.96 2.46 -27.48
CA PRO A 12 28.61 2.99 -27.39
C PRO A 12 28.35 4.26 -28.17
N SER A 13 27.15 4.84 -28.07
CA SER A 13 26.79 6.05 -28.78
C SER A 13 25.62 6.78 -28.13
N ALA A 14 25.61 8.08 -28.40
CA ALA A 14 24.81 9.04 -27.69
C ALA A 14 23.31 8.76 -27.79
N GLU A 15 22.79 8.60 -29.00
CA GLU A 15 21.43 8.27 -29.38
C GLU A 15 20.75 7.09 -28.69
N HIS A 16 21.60 6.23 -28.13
CA HIS A 16 21.33 4.92 -27.58
C HIS A 16 21.65 4.91 -26.09
N SER A 17 22.86 5.25 -25.65
CA SER A 17 23.31 4.96 -24.30
C SER A 17 22.54 5.74 -23.24
N TYR A 18 22.40 5.15 -22.04
CA TYR A 18 21.49 5.51 -20.98
C TYR A 18 21.96 4.86 -19.69
N ALA A 19 21.34 5.20 -18.56
CA ALA A 19 21.61 4.75 -17.21
C ALA A 19 20.31 4.49 -16.46
N GLU A 20 20.35 3.51 -15.56
CA GLU A 20 19.13 3.15 -14.87
C GLU A 20 19.30 2.60 -13.45
N GLY A 21 18.38 2.91 -12.54
CA GLY A 21 18.28 2.29 -11.23
C GLY A 21 17.98 3.25 -10.09
N GLU A 22 18.19 2.71 -8.89
CA GLU A 22 18.02 3.22 -7.55
C GLU A 22 18.54 4.65 -7.47
N GLY A 23 19.83 4.88 -7.70
CA GLY A 23 20.49 6.18 -7.71
C GLY A 23 20.09 7.24 -8.72
N LEU A 24 18.95 7.09 -9.41
CA LEU A 24 18.20 7.99 -10.25
C LEU A 24 16.76 8.18 -9.77
N VAL A 25 16.25 7.59 -8.69
CA VAL A 25 14.91 7.72 -8.18
C VAL A 25 14.86 7.77 -6.66
N LYS A 26 15.94 7.39 -5.97
CA LYS A 26 15.84 7.02 -4.57
C LYS A 26 17.15 7.01 -3.80
N VAL A 27 17.47 8.14 -3.17
CA VAL A 27 18.65 8.34 -2.35
C VAL A 27 18.45 9.32 -1.20
N PHE A 28 19.10 9.17 -0.05
CA PHE A 28 18.87 9.87 1.20
C PHE A 28 20.06 10.37 2.00
N ASP A 29 19.84 10.85 3.22
CA ASP A 29 20.87 11.44 4.06
C ASP A 29 21.64 10.42 4.88
N ASN A 30 20.99 9.44 5.52
CA ASN A 30 21.74 8.44 6.26
C ASN A 30 21.76 7.10 5.54
N ALA A 31 21.71 7.14 4.21
CA ALA A 31 21.69 5.94 3.39
C ALA A 31 22.14 6.15 1.95
N PRO A 32 23.13 5.42 1.41
CA PRO A 32 23.64 5.65 0.08
C PRO A 32 22.85 4.93 -1.01
N ALA A 33 23.20 5.15 -2.29
CA ALA A 33 22.58 4.50 -3.42
C ALA A 33 23.46 4.24 -4.63
N GLU A 34 22.97 3.48 -5.61
CA GLU A 34 23.66 2.95 -6.77
C GLU A 34 22.87 2.92 -8.06
N PHE A 35 23.42 2.93 -9.28
CA PHE A 35 22.77 2.87 -10.57
C PHE A 35 23.80 2.49 -11.63
N THR A 36 23.37 2.11 -12.83
CA THR A 36 24.19 1.38 -13.79
C THR A 36 24.17 1.94 -15.21
N ILE A 37 25.33 2.07 -15.84
CA ILE A 37 25.54 2.47 -17.23
C ILE A 37 25.34 1.28 -18.15
N PHE A 38 24.19 1.25 -18.84
CA PHE A 38 24.05 0.29 -19.92
C PHE A 38 24.73 0.85 -21.15
N ALA A 39 25.73 0.13 -21.67
CA ALA A 39 26.48 0.34 -22.89
C ALA A 39 25.57 -0.05 -24.04
N VAL A 40 25.26 0.84 -24.99
CA VAL A 40 24.46 0.49 -26.14
C VAL A 40 24.90 1.39 -27.29
N ASP A 41 24.92 0.72 -28.45
CA ASP A 41 25.41 1.32 -29.67
C ASP A 41 24.31 1.37 -30.73
N THR A 42 23.10 0.87 -30.52
CA THR A 42 22.15 0.55 -31.57
C THR A 42 20.76 0.55 -30.95
N LYS A 43 19.75 0.36 -31.81
CA LYS A 43 18.35 0.22 -31.43
C LYS A 43 18.00 -1.08 -30.72
N GLY A 44 18.95 -1.93 -30.34
CA GLY A 44 18.72 -3.18 -29.64
C GLY A 44 19.48 -3.33 -28.33
N VAL A 45 19.86 -4.57 -28.00
CA VAL A 45 20.57 -5.02 -26.83
C VAL A 45 21.85 -4.26 -26.55
N ALA A 46 22.40 -4.28 -25.33
CA ALA A 46 23.63 -3.61 -24.94
C ALA A 46 24.84 -4.16 -25.68
N ARG A 47 25.95 -3.47 -25.40
CA ARG A 47 27.21 -4.09 -25.75
C ARG A 47 27.46 -5.25 -24.81
N THR A 48 28.39 -6.15 -25.16
CA THR A 48 28.64 -7.43 -24.52
C THR A 48 30.04 -7.50 -23.91
N ASP A 49 30.63 -6.32 -23.65
CA ASP A 49 31.92 -5.94 -23.10
C ASP A 49 32.12 -4.49 -22.68
N GLY A 50 32.94 -4.28 -21.65
CA GLY A 50 33.20 -3.00 -21.01
C GLY A 50 34.37 -2.20 -21.55
N GLY A 51 35.23 -1.71 -20.65
CA GLY A 51 36.46 -1.05 -21.03
C GLY A 51 36.41 0.35 -21.64
N ASP A 52 35.26 0.80 -22.15
CA ASP A 52 35.19 2.16 -22.64
C ASP A 52 35.39 3.21 -21.55
N PRO A 53 35.92 4.38 -21.88
CA PRO A 53 36.18 5.47 -20.98
C PRO A 53 34.91 6.26 -20.65
N PHE A 54 34.42 6.11 -19.42
CA PHE A 54 33.25 6.81 -18.92
C PHE A 54 33.52 7.74 -17.74
N GLU A 55 32.52 8.49 -17.30
CA GLU A 55 32.72 9.49 -16.26
C GLU A 55 31.41 9.89 -15.60
N VAL A 56 31.51 10.27 -14.32
CA VAL A 56 30.41 10.68 -13.47
C VAL A 56 30.74 12.02 -12.85
N ALA A 57 29.70 12.86 -12.71
CA ALA A 57 29.73 14.08 -11.95
C ALA A 57 28.42 14.23 -11.19
N ILE A 58 28.39 14.12 -9.86
CA ILE A 58 27.27 14.31 -8.97
C ILE A 58 27.59 15.49 -8.06
N ASN A 59 26.56 16.29 -7.77
CA ASN A 59 26.50 17.45 -6.90
C ASN A 59 25.31 17.51 -5.95
N GLY A 60 25.39 18.09 -4.75
CA GLY A 60 24.39 18.03 -3.71
C GLY A 60 24.12 19.44 -3.19
N PRO A 61 23.77 19.65 -1.91
CA PRO A 61 23.29 20.93 -1.41
C PRO A 61 24.35 22.02 -1.34
N ASP A 62 23.95 23.22 -1.75
CA ASP A 62 24.56 24.51 -1.50
C ASP A 62 25.69 24.73 -2.49
N GLY A 63 26.65 23.81 -2.63
CA GLY A 63 27.76 23.76 -3.55
C GLY A 63 28.34 22.37 -3.75
N LEU A 64 28.08 21.51 -2.76
CA LEU A 64 28.66 20.21 -2.46
C LEU A 64 28.84 19.28 -3.63
N VAL A 65 30.08 19.15 -4.10
CA VAL A 65 30.50 18.10 -5.01
C VAL A 65 30.44 16.78 -4.25
N VAL A 66 29.58 15.88 -4.73
CA VAL A 66 29.43 14.60 -4.08
C VAL A 66 30.39 13.67 -4.81
N ASP A 67 31.28 12.99 -4.08
CA ASP A 67 32.13 11.97 -4.66
C ASP A 67 31.26 10.80 -5.10
N ALA A 68 31.44 10.37 -6.35
CA ALA A 68 30.67 9.34 -6.99
C ALA A 68 31.67 8.43 -7.70
N LYS A 69 31.39 7.13 -7.59
CA LYS A 69 32.28 6.03 -7.89
C LYS A 69 31.77 5.13 -9.00
N VAL A 70 32.49 5.06 -10.12
CA VAL A 70 32.16 4.22 -11.26
C VAL A 70 32.95 2.93 -11.08
N THR A 71 32.36 1.78 -11.46
CA THR A 71 33.13 0.57 -11.57
C THR A 71 32.58 -0.19 -12.78
N ASP A 72 33.45 -0.43 -13.75
CA ASP A 72 33.17 -1.30 -14.89
C ASP A 72 33.08 -2.74 -14.42
N ASN A 73 32.01 -3.38 -14.91
CA ASN A 73 31.69 -4.76 -14.61
C ASN A 73 32.19 -5.84 -15.56
N ASN A 74 32.84 -5.43 -16.66
CA ASN A 74 33.55 -6.24 -17.64
C ASN A 74 32.54 -6.79 -18.64
N ASP A 75 31.33 -7.08 -18.18
CA ASP A 75 30.33 -7.77 -18.98
C ASP A 75 29.62 -6.87 -19.97
N GLY A 76 29.62 -5.54 -19.86
CA GLY A 76 28.92 -4.59 -20.71
C GLY A 76 28.22 -3.46 -19.98
N THR A 77 28.43 -3.31 -18.66
CA THR A 77 27.77 -2.35 -17.80
C THR A 77 28.71 -1.68 -16.80
N TYR A 78 28.39 -0.53 -16.21
CA TYR A 78 29.17 0.19 -15.22
C TYR A 78 28.25 0.47 -14.03
N GLY A 79 28.62 -0.07 -12.88
CA GLY A 79 28.03 0.34 -11.62
C GLY A 79 28.55 1.69 -11.16
N VAL A 80 27.61 2.57 -10.76
CA VAL A 80 27.91 3.88 -10.23
C VAL A 80 27.24 4.03 -8.88
N VAL A 81 28.04 4.47 -7.90
CA VAL A 81 27.68 4.45 -6.50
C VAL A 81 27.92 5.78 -5.80
N TYR A 82 27.01 6.17 -4.90
CA TYR A 82 27.11 7.42 -4.18
C TYR A 82 26.31 7.51 -2.88
N ASP A 83 26.74 8.53 -2.15
CA ASP A 83 26.41 8.87 -0.78
C ASP A 83 26.69 10.33 -0.50
N ALA A 84 25.77 10.94 0.25
CA ALA A 84 26.06 12.11 1.05
C ALA A 84 25.26 12.21 2.33
N PRO A 85 25.73 12.80 3.43
CA PRO A 85 25.11 12.75 4.75
C PRO A 85 24.15 13.90 4.98
N VAL A 86 23.32 14.19 3.98
CA VAL A 86 22.67 15.48 3.81
C VAL A 86 21.24 15.45 3.31
N GLU A 87 20.47 16.53 3.33
CA GLU A 87 19.08 16.53 2.88
C GLU A 87 18.83 17.75 2.02
N GLY A 88 18.39 17.50 0.77
CA GLY A 88 18.10 18.48 -0.24
C GLY A 88 17.81 17.86 -1.60
N ASN A 89 18.76 17.96 -2.53
CA ASN A 89 18.78 17.42 -3.87
C ASN A 89 20.13 17.05 -4.47
N TYR A 90 20.20 15.80 -4.92
CA TYR A 90 21.26 15.23 -5.72
C TYR A 90 20.93 15.50 -7.18
N ASN A 91 22.02 15.84 -7.88
CA ASN A 91 22.07 16.34 -9.24
C ASN A 91 23.12 15.50 -9.95
N VAL A 92 22.64 14.60 -10.82
CA VAL A 92 23.40 13.51 -11.40
C VAL A 92 23.63 13.69 -12.89
N ASN A 93 24.83 13.38 -13.38
CA ASN A 93 25.24 13.36 -14.78
C ASN A 93 26.17 12.21 -15.14
N VAL A 94 25.92 11.55 -16.27
CA VAL A 94 26.80 10.50 -16.79
C VAL A 94 27.25 10.91 -18.18
N THR A 95 28.46 10.53 -18.54
CA THR A 95 29.01 10.96 -19.81
C THR A 95 30.11 10.01 -20.30
N LEU A 96 30.32 9.84 -21.60
CA LEU A 96 31.21 9.02 -22.39
C LEU A 96 32.64 9.54 -22.35
N ARG A 97 33.00 10.11 -21.19
CA ARG A 97 34.21 10.86 -20.96
C ARG A 97 34.22 12.12 -21.80
N GLY A 98 33.90 12.11 -23.09
CA GLY A 98 33.98 13.14 -24.11
C GLY A 98 32.66 13.44 -24.82
N ASN A 99 31.58 12.70 -24.56
CA ASN A 99 30.36 12.85 -25.33
C ASN A 99 29.11 12.64 -24.49
N PRO A 100 28.04 13.43 -24.66
CA PRO A 100 26.90 13.29 -23.77
C PRO A 100 25.89 12.20 -24.12
N ILE A 101 24.99 11.80 -23.21
CA ILE A 101 24.03 10.73 -23.42
C ILE A 101 22.69 11.20 -22.88
N LYS A 102 21.68 10.33 -22.92
CA LYS A 102 20.28 10.64 -22.75
C LYS A 102 19.85 10.73 -21.29
N ASN A 103 19.00 11.72 -21.02
CA ASN A 103 18.43 12.05 -19.73
C ASN A 103 19.43 12.47 -18.66
N MET A 104 20.53 13.04 -19.17
CA MET A 104 21.77 13.45 -18.52
C MET A 104 21.85 14.95 -18.78
N PRO A 105 22.06 15.83 -17.81
CA PRO A 105 21.95 15.58 -16.39
C PRO A 105 20.55 15.60 -15.80
N ILE A 106 20.34 15.16 -14.55
CA ILE A 106 19.05 14.88 -13.98
C ILE A 106 19.12 14.92 -12.46
N ASP A 107 17.99 15.04 -11.76
CA ASP A 107 17.86 15.45 -10.38
C ASP A 107 16.96 14.53 -9.59
N VAL A 108 17.29 14.36 -8.31
CA VAL A 108 16.69 13.52 -7.31
C VAL A 108 16.63 14.30 -6.00
N LYS A 109 15.42 14.52 -5.49
CA LYS A 109 15.09 15.12 -4.22
C LYS A 109 15.39 14.09 -3.14
N CYS A 110 16.04 14.57 -2.07
CA CYS A 110 16.17 13.81 -0.84
C CYS A 110 15.27 14.33 0.28
N ILE A 111 14.26 13.56 0.68
CA ILE A 111 13.27 13.81 1.71
C ILE A 111 12.68 12.49 2.22
N GLU A 112 12.21 12.45 3.46
CA GLU A 112 12.03 11.18 4.14
C GLU A 112 10.83 10.37 3.69
N GLY A 113 11.10 9.27 2.97
CA GLY A 113 10.10 8.27 2.68
C GLY A 113 9.61 7.62 3.95
N ALA A 114 8.39 7.86 4.43
CA ALA A 114 7.88 7.42 5.72
C ALA A 114 7.98 5.95 6.10
N ASN A 115 7.71 5.59 7.35
CA ASN A 115 7.95 4.28 7.94
C ASN A 115 7.28 3.05 7.34
N GLY A 116 7.90 1.87 7.42
CA GLY A 116 7.34 0.59 7.04
C GLY A 116 6.27 0.15 8.04
N GLU A 117 5.23 -0.51 7.52
CA GLU A 117 4.05 -0.92 8.26
C GLU A 117 3.53 -2.31 7.89
N ASP A 118 2.68 -2.98 8.67
CA ASP A 118 1.84 -4.09 8.25
C ASP A 118 0.61 -4.02 9.15
N SER A 119 -0.65 -4.26 8.78
CA SER A 119 -1.00 -4.59 7.41
C SER A 119 -1.05 -3.36 6.52
N SER A 120 -1.32 -2.17 7.06
CA SER A 120 -1.58 -0.92 6.37
C SER A 120 -1.70 0.33 7.23
N PHE A 121 -1.35 1.51 6.74
CA PHE A 121 -1.44 2.76 7.45
C PHE A 121 -2.85 3.27 7.77
N GLY A 122 -3.86 2.60 7.22
CA GLY A 122 -5.29 2.82 7.22
C GLY A 122 -6.05 2.54 5.93
N SER A 123 -7.35 2.85 5.88
CA SER A 123 -8.36 2.31 5.00
C SER A 123 -8.29 2.81 3.56
N PHE A 124 -7.36 3.71 3.22
CA PHE A 124 -7.21 4.44 1.98
C PHE A 124 -6.87 3.44 0.88
N THR A 125 -7.51 3.58 -0.28
CA THR A 125 -7.54 2.70 -1.43
C THR A 125 -7.98 3.62 -2.56
N PHE A 126 -7.76 3.22 -3.82
CA PHE A 126 -8.01 4.02 -5.00
C PHE A 126 -8.26 3.20 -6.26
N THR A 127 -8.84 3.77 -7.31
CA THR A 127 -9.05 3.16 -8.61
C THR A 127 -7.79 3.23 -9.46
N VAL A 128 -7.41 2.06 -9.95
CA VAL A 128 -6.25 1.84 -10.78
C VAL A 128 -6.64 0.82 -11.84
N ALA A 129 -6.90 1.17 -13.09
CA ALA A 129 -7.40 0.37 -14.20
C ALA A 129 -6.50 -0.85 -14.36
N ALA A 130 -5.19 -0.71 -14.17
CA ALA A 130 -4.19 -1.72 -14.39
C ALA A 130 -4.25 -2.89 -13.42
N LYS A 131 -4.73 -2.59 -12.21
CA LYS A 131 -5.13 -3.56 -11.22
C LYS A 131 -6.43 -4.30 -11.54
N ASN A 132 -7.49 -3.56 -11.86
CA ASN A 132 -8.80 -3.98 -12.30
C ASN A 132 -9.56 -2.77 -12.84
N LYS A 133 -10.43 -3.04 -13.82
CA LYS A 133 -11.28 -2.09 -14.52
C LYS A 133 -12.72 -2.24 -14.04
N LYS A 134 -13.41 -1.10 -13.99
CA LYS A 134 -14.59 -0.77 -13.22
C LYS A 134 -15.89 -1.24 -13.87
N GLY A 135 -15.82 -2.23 -14.76
CA GLY A 135 -16.88 -2.74 -15.58
C GLY A 135 -17.21 -1.91 -16.82
N GLU A 136 -18.25 -2.27 -17.56
CA GLU A 136 -18.92 -1.52 -18.60
C GLU A 136 -19.57 -0.29 -17.98
N VAL A 137 -19.20 0.90 -18.46
CA VAL A 137 -19.65 2.17 -17.92
C VAL A 137 -20.87 2.53 -18.77
N LYS A 138 -22.01 2.49 -18.10
CA LYS A 138 -23.28 2.80 -18.73
C LYS A 138 -23.92 4.13 -18.36
N THR A 139 -24.98 4.56 -19.06
CA THR A 139 -25.91 5.58 -18.65
C THR A 139 -26.43 5.47 -17.23
N TYR A 140 -27.04 4.34 -16.85
CA TYR A 140 -27.74 4.22 -15.59
C TYR A 140 -26.96 4.33 -14.29
N GLY A 141 -25.65 4.12 -14.34
CA GLY A 141 -24.73 4.37 -13.24
C GLY A 141 -24.32 3.20 -12.36
N GLY A 142 -23.24 3.39 -11.60
CA GLY A 142 -22.84 2.59 -10.47
C GLY A 142 -22.87 3.31 -9.13
N ASP A 143 -22.34 2.80 -8.02
CA ASP A 143 -22.50 3.42 -6.73
C ASP A 143 -21.67 4.68 -6.55
N LYS A 144 -22.21 5.65 -5.81
CA LYS A 144 -21.57 6.96 -5.81
C LYS A 144 -20.53 7.23 -4.74
N PHE A 145 -20.44 6.46 -3.65
CA PHE A 145 -19.66 6.81 -2.49
C PHE A 145 -18.17 7.00 -2.76
N GLU A 146 -17.58 6.08 -3.55
CA GLU A 146 -16.27 6.21 -4.15
C GLU A 146 -16.44 6.70 -5.58
N VAL A 147 -15.37 7.13 -6.23
CA VAL A 147 -15.32 7.70 -7.57
C VAL A 147 -14.05 7.39 -8.35
N SER A 148 -14.19 6.97 -9.60
CA SER A 148 -13.08 6.43 -10.38
C SER A 148 -11.96 7.38 -10.75
N ILE A 149 -12.02 8.70 -10.60
CA ILE A 149 -10.91 9.60 -10.80
C ILE A 149 -9.77 9.43 -9.78
N THR A 150 -9.90 8.59 -8.76
CA THR A 150 -8.99 8.50 -7.63
C THR A 150 -7.64 7.95 -8.04
N GLY A 151 -6.63 8.30 -7.23
CA GLY A 151 -5.26 7.85 -7.38
C GLY A 151 -4.41 7.89 -6.13
N PRO A 152 -3.13 7.53 -6.27
CA PRO A 152 -2.20 7.59 -5.16
C PRO A 152 -2.10 8.99 -4.59
N ALA A 153 -1.65 9.01 -3.33
CA ALA A 153 -1.47 10.27 -2.64
C ALA A 153 -0.29 11.06 -3.17
N GLU A 154 0.58 10.56 -4.03
CA GLU A 154 1.79 11.15 -4.57
C GLU A 154 2.05 10.63 -5.98
N GLU A 155 2.56 11.52 -6.83
CA GLU A 155 2.79 11.26 -8.24
C GLU A 155 3.82 12.27 -8.75
N ILE A 156 5.08 11.95 -8.47
CA ILE A 156 6.27 12.72 -8.81
C ILE A 156 7.09 12.14 -9.95
N THR A 157 8.05 12.84 -10.56
CA THR A 157 8.94 12.38 -11.61
C THR A 157 9.95 11.35 -11.11
N LEU A 158 10.06 11.02 -9.83
CA LEU A 158 10.85 9.91 -9.34
C LEU A 158 9.99 8.66 -9.25
N ASP A 159 9.65 8.22 -10.47
CA ASP A 159 8.67 7.18 -10.65
C ASP A 159 9.36 5.88 -10.25
N ALA A 160 8.81 5.19 -9.25
CA ALA A 160 9.40 3.96 -8.75
C ALA A 160 9.22 2.89 -9.81
N ILE A 161 10.38 2.25 -10.03
CA ILE A 161 10.64 1.36 -11.14
C ILE A 161 10.31 -0.12 -11.04
N ASP A 162 10.26 -0.56 -9.78
CA ASP A 162 9.56 -1.75 -9.33
C ASP A 162 8.23 -1.38 -8.68
N ASN A 163 7.17 -2.02 -9.18
CA ASN A 163 5.80 -1.72 -8.85
C ASN A 163 5.35 -2.53 -7.63
N GLN A 164 5.02 -1.84 -6.54
CA GLN A 164 4.84 -2.42 -5.23
C GLN A 164 3.36 -2.64 -4.95
N ASP A 165 2.98 -3.83 -4.47
CA ASP A 165 1.61 -4.23 -4.18
C ASP A 165 1.45 -4.56 -2.70
N GLY A 166 0.21 -4.43 -2.25
CA GLY A 166 -0.17 -4.47 -0.86
C GLY A 166 -0.05 -3.16 -0.10
N THR A 167 0.97 -2.36 -0.46
CA THR A 167 1.30 -1.13 0.24
C THR A 167 0.34 0.02 0.00
N TYR A 168 -0.16 0.60 1.08
CA TYR A 168 -0.73 1.94 1.15
C TYR A 168 0.08 2.86 2.07
N THR A 169 0.56 4.03 1.68
CA THR A 169 1.17 5.09 2.46
C THR A 169 0.82 6.44 1.86
N ALA A 170 0.85 7.54 2.62
CA ALA A 170 0.45 8.89 2.22
C ALA A 170 1.25 9.86 3.07
N ALA A 171 1.18 11.16 2.75
CA ALA A 171 1.82 12.14 3.61
C ALA A 171 1.29 12.16 5.04
N TYR A 172 -0.03 12.12 5.16
CA TYR A 172 -0.76 12.22 6.42
C TYR A 172 -1.66 11.05 6.80
N SER A 173 -2.12 10.94 8.04
CA SER A 173 -3.14 10.00 8.47
C SER A 173 -4.56 10.38 8.10
N LEU A 174 -5.47 9.40 8.05
CA LEU A 174 -6.71 9.42 7.31
C LEU A 174 -7.58 10.54 7.88
N VAL A 175 -8.69 10.94 7.26
CA VAL A 175 -9.74 11.77 7.80
C VAL A 175 -11.02 11.57 6.98
N GLY A 176 -12.14 11.37 7.68
CA GLY A 176 -13.43 11.18 7.04
C GLY A 176 -13.98 12.38 6.27
N ASN A 177 -14.96 12.05 5.43
CA ASN A 177 -15.69 12.95 4.57
C ASN A 177 -16.52 13.92 5.41
N GLY A 178 -16.12 15.19 5.38
CA GLY A 178 -16.92 16.24 5.97
C GLY A 178 -17.79 16.99 4.97
N ARG A 179 -17.87 18.33 5.07
CA ARG A 179 -18.76 19.13 4.25
C ARG A 179 -17.97 19.53 3.01
N PHE A 180 -17.80 18.57 2.08
CA PHE A 180 -17.14 18.61 0.81
C PHE A 180 -17.60 17.52 -0.17
N SER A 181 -17.95 18.00 -1.37
CA SER A 181 -18.82 17.39 -2.35
C SER A 181 -18.09 16.38 -3.21
N THR A 182 -18.47 15.10 -3.11
CA THR A 182 -17.81 14.03 -3.83
C THR A 182 -18.54 13.72 -5.13
N GLY A 183 -17.82 13.33 -6.18
CA GLY A 183 -18.24 13.10 -7.54
C GLY A 183 -17.44 13.87 -8.58
N VAL A 184 -17.59 13.57 -9.86
CA VAL A 184 -17.08 14.26 -11.03
C VAL A 184 -18.10 14.55 -12.13
N LYS A 185 -19.34 14.73 -11.67
CA LYS A 185 -20.50 14.84 -12.54
C LYS A 185 -21.02 16.28 -12.51
N LEU A 186 -20.73 17.01 -11.44
CA LEU A 186 -21.02 18.41 -11.19
C LEU A 186 -19.79 19.06 -10.56
N ASN A 187 -19.59 20.34 -10.84
CA ASN A 187 -18.62 21.18 -10.16
C ASN A 187 -18.64 21.02 -8.65
N GLY A 188 -17.59 20.62 -7.93
CA GLY A 188 -17.55 20.34 -6.51
C GLY A 188 -17.63 21.57 -5.63
N LYS A 189 -17.46 22.79 -6.15
CA LYS A 189 -17.62 24.00 -5.38
C LYS A 189 -18.99 24.24 -4.76
N HIS A 190 -20.06 23.69 -5.33
CA HIS A 190 -21.40 23.72 -4.75
C HIS A 190 -21.45 22.72 -3.60
N ILE A 191 -22.36 22.86 -2.64
CA ILE A 191 -22.40 22.10 -1.40
C ILE A 191 -23.85 21.97 -0.98
N GLU A 192 -24.06 21.04 -0.06
CA GLU A 192 -25.31 20.64 0.55
C GLU A 192 -25.78 21.70 1.53
N GLY A 193 -26.99 22.23 1.32
CA GLY A 193 -27.68 23.17 2.18
C GLY A 193 -28.07 24.49 1.52
N SER A 194 -28.68 25.37 2.31
CA SER A 194 -28.99 26.73 1.88
C SER A 194 -27.89 27.69 2.30
N PRO A 195 -27.24 28.37 1.34
CA PRO A 195 -26.24 29.36 1.69
C PRO A 195 -26.90 30.68 2.06
N PHE A 196 -26.34 31.28 3.10
CA PHE A 196 -26.84 32.45 3.79
C PHE A 196 -25.97 32.91 4.95
N LYS A 197 -25.00 32.13 5.44
CA LYS A 197 -23.99 32.64 6.34
C LYS A 197 -23.11 33.79 5.83
N GLN A 198 -22.98 33.93 4.51
CA GLN A 198 -22.69 35.21 3.90
C GLN A 198 -23.91 36.10 3.82
N VAL A 199 -23.96 37.18 4.61
CA VAL A 199 -25.09 38.09 4.74
C VAL A 199 -25.02 38.96 3.50
N LEU A 200 -25.96 38.79 2.56
CA LEU A 200 -26.18 39.72 1.48
C LEU A 200 -27.13 40.86 1.77
N GLY A 201 -27.33 41.85 0.89
CA GLY A 201 -28.10 43.04 1.18
C GLY A 201 -29.59 42.74 1.32
N ASN A 202 -30.25 43.45 2.23
CA ASN A 202 -31.63 43.15 2.59
C ASN A 202 -32.37 44.42 2.99
N GLU A 203 -33.69 44.39 2.79
CA GLU A 203 -34.68 45.26 3.39
C GLU A 203 -34.29 45.52 4.85
N LEU A 204 -34.23 46.79 5.28
CA LEU A 204 -34.47 48.02 4.57
C LEU A 204 -33.28 48.37 3.69
N PHE A 205 -33.60 48.94 2.53
CA PHE A 205 -32.68 49.55 1.59
C PHE A 205 -32.82 51.04 1.83
N SER A 206 -34.03 51.52 1.54
CA SER A 206 -34.45 52.91 1.67
C SER A 206 -35.78 53.00 2.38
N THR A 207 -35.75 53.86 3.40
CA THR A 207 -36.87 54.34 4.19
C THR A 207 -38.04 54.73 3.30
N PRO A 208 -39.24 54.19 3.51
CA PRO A 208 -40.48 54.62 2.91
C PRO A 208 -40.87 56.04 3.30
N VAL A 209 -41.88 56.63 2.65
CA VAL A 209 -42.26 58.03 2.76
C VAL A 209 -43.77 58.11 2.76
N TRP A 210 -44.30 59.35 2.76
CA TRP A 210 -45.72 59.58 2.76
C TRP A 210 -46.35 59.69 1.36
N ILE A 211 -47.67 59.58 1.29
CA ILE A 211 -48.49 59.94 0.15
C ILE A 211 -49.04 61.36 0.21
N SER A 212 -48.46 62.17 -0.68
CA SER A 212 -48.82 63.56 -0.85
C SER A 212 -50.19 63.73 -1.50
N GLN A 213 -51.25 63.87 -0.72
CA GLN A 213 -52.57 63.98 -1.31
C GLN A 213 -53.47 64.91 -0.51
N ALA A 214 -54.19 65.80 -1.20
CA ALA A 214 -55.02 66.78 -0.53
C ALA A 214 -56.15 66.19 0.31
N GLN A 215 -56.48 66.93 1.37
CA GLN A 215 -57.56 66.58 2.28
C GLN A 215 -58.13 67.77 3.02
N GLY A 216 -59.46 67.82 3.11
CA GLY A 216 -60.25 68.89 3.70
C GLY A 216 -60.91 68.30 4.93
N ILE A 217 -61.18 69.11 5.96
CA ILE A 217 -61.71 68.60 7.20
C ILE A 217 -62.50 69.62 8.01
N ARG A 218 -62.23 70.93 7.84
CA ARG A 218 -62.93 71.96 8.57
C ARG A 218 -63.93 72.71 7.71
N ALA A 219 -65.10 72.92 8.32
CA ALA A 219 -66.25 73.52 7.68
C ALA A 219 -66.22 75.05 7.70
N GLY A 220 -67.02 75.75 6.90
CA GLY A 220 -67.03 77.18 6.66
C GLY A 220 -67.48 78.04 7.82
N PRO A 221 -67.04 79.30 7.76
CA PRO A 221 -67.47 80.38 8.62
C PRO A 221 -68.80 81.05 8.28
#